data_4NRH
#
_entry.id   4NRH
#
_cell.length_a   61.571
_cell.length_b   96.183
_cell.length_c   94.472
_cell.angle_alpha   90.00
_cell.angle_beta   92.27
_cell.angle_gamma   90.00
#
_symmetry.space_group_name_H-M   'P 1 21 1'
#
loop_
_entity.id
_entity.type
_entity.pdbx_description
1 polymer CopN
2 polymer 'Chaperone SycD'
3 non-polymer 'SODIUM ION'
4 water water
#
loop_
_entity_poly.entity_id
_entity_poly.type
_entity_poly.pdbx_seq_one_letter_code
_entity_poly.pdbx_strand_id
1 'polypeptide(L)'
;GSHMASSESTEEKPDTDLADKYASGNSEISGQELRGLRDAIGDDASPEDILALVQEKIKDPALQSTALDYLVQTTPPSQG
KLKEALIQARNTHTEQFGRTAIGAKNILFASQEYADQLNVSPSGLRSLYLEVTGDTHTCDQLLSMLQDRYTYQDMAIVSS
FLMKGMATGLKRQGPYVPSAQLQVLMTETRNLQAVLTSYDYFESRVPILLDSLKAEGIQTPSDLNFVKVAESYHKIINDK
FPTASKVEREVRNLIGDDVDSVTGVLNLFFSALRQTSSRLFSSADKRQQLGAMIANALDAVNINNEDYPKASDFPKPYPW
S
;
A,C
2 'polypeptide(L)'
;GSHMASMSHLNYLLEKIAASSKEDFPFPDDLESYLEGYVPDKNIALDTYQKIFKISSEDLEKVYKEGYHAYLDKDYAKSI
TVFRWLVFFNPFVSKFWFSLGASLHMSEQYSQALHAYGVTAVLRDKDPYPHYYAYICYTLTNEHEEAEKALEMAWVRAQH
KPLYNELKEEILDIRKHK
;
B,D
#
# COMPACT_ATOMS: atom_id res chain seq x y z
N THR A 16 5.01 9.32 -23.46
CA THR A 16 5.61 10.60 -23.77
C THR A 16 7.07 10.42 -24.17
N ASP A 17 7.98 10.69 -23.24
CA ASP A 17 9.40 10.40 -23.48
C ASP A 17 9.71 8.99 -22.98
N LEU A 18 10.94 8.53 -23.22
CA LEU A 18 11.30 7.15 -22.93
C LEU A 18 11.28 6.83 -21.43
N ALA A 19 11.71 7.80 -20.62
CA ALA A 19 11.74 7.61 -19.17
C ALA A 19 10.35 7.32 -18.60
N ASP A 20 9.36 8.04 -19.11
CA ASP A 20 7.98 7.84 -18.69
C ASP A 20 7.45 6.45 -19.08
N LYS A 21 7.91 5.93 -20.20
CA LYS A 21 7.47 4.61 -20.67
C LYS A 21 8.01 3.51 -19.77
N TYR A 22 9.26 3.63 -19.37
CA TYR A 22 9.86 2.70 -18.42
C TYR A 22 9.11 2.70 -17.09
N ALA A 23 8.73 3.89 -16.64
CA ALA A 23 8.16 4.08 -15.30
C ALA A 23 6.64 3.92 -15.26
N SER A 24 6.01 3.92 -16.43
CA SER A 24 4.54 3.95 -16.52
C SER A 24 3.85 2.85 -15.71
N GLY A 25 4.30 1.62 -15.88
CA GLY A 25 3.71 0.50 -15.17
C GLY A 25 4.54 0.02 -14.00
N ASN A 26 5.55 0.81 -13.64
CA ASN A 26 6.47 0.43 -12.57
C ASN A 26 6.27 1.33 -11.35
N SER A 27 5.71 0.78 -10.28
CA SER A 27 5.35 1.57 -9.11
C SER A 27 6.53 1.89 -8.19
N GLU A 28 7.70 1.39 -8.52
CA GLU A 28 8.88 1.64 -7.68
C GLU A 28 9.84 2.66 -8.27
N ILE A 29 9.48 3.23 -9.42
CA ILE A 29 10.30 4.28 -10.01
C ILE A 29 9.47 5.21 -10.89
N SER A 30 9.91 6.46 -10.99
CA SER A 30 9.22 7.46 -11.80
C SER A 30 10.11 7.96 -12.92
N GLY A 31 9.50 8.56 -13.95
CA GLY A 31 10.24 9.12 -15.06
C GLY A 31 11.15 10.23 -14.60
N GLN A 32 10.68 10.99 -13.61
CA GLN A 32 11.46 12.07 -13.02
C GLN A 32 12.76 11.55 -12.42
N GLU A 33 12.68 10.42 -11.72
CA GLU A 33 13.85 9.83 -11.08
C GLU A 33 14.82 9.25 -12.10
N LEU A 34 14.28 8.74 -13.21
CA LEU A 34 15.12 8.21 -14.28
C LEU A 34 15.86 9.32 -15.02
N ARG A 35 15.14 10.40 -15.32
CA ARG A 35 15.75 11.56 -15.98
C ARG A 35 16.75 12.24 -15.06
N GLY A 36 16.46 12.25 -13.76
CA GLY A 36 17.37 12.81 -12.78
C GLY A 36 18.70 12.10 -12.77
N LEU A 37 18.65 10.77 -12.90
CA LEU A 37 19.85 9.95 -12.98
C LEU A 37 20.61 10.25 -14.26
N ARG A 38 19.86 10.33 -15.37
CA ARG A 38 20.43 10.64 -16.68
C ARG A 38 21.13 12.00 -16.69
N ASP A 39 20.51 12.99 -16.05
CA ASP A 39 21.05 14.35 -16.03
C ASP A 39 22.28 14.47 -15.13
N ALA A 40 22.45 13.51 -14.23
CA ALA A 40 23.58 13.54 -13.30
C ALA A 40 24.83 12.92 -13.92
N ILE A 41 24.64 12.22 -15.04
CA ILE A 41 25.75 11.53 -15.70
C ILE A 41 26.25 12.33 -16.90
N GLY A 42 27.51 12.78 -16.82
CA GLY A 42 28.11 13.57 -17.87
C GLY A 42 28.60 12.74 -19.04
N ASP A 43 28.86 13.41 -20.17
CA ASP A 43 29.32 12.76 -21.39
C ASP A 43 30.64 12.03 -21.18
N ASP A 44 31.46 12.52 -20.25
CA ASP A 44 32.79 12.00 -20.03
C ASP A 44 32.86 11.05 -18.84
N ALA A 45 31.70 10.56 -18.41
CA ALA A 45 31.63 9.65 -17.27
C ALA A 45 32.16 8.27 -17.60
N SER A 46 32.96 7.72 -16.69
CA SER A 46 33.48 6.37 -16.84
C SER A 46 32.45 5.36 -16.35
N PRO A 47 32.59 4.08 -16.76
CA PRO A 47 31.74 3.01 -16.24
C PRO A 47 31.68 3.00 -14.70
N GLU A 48 32.83 3.23 -14.06
CA GLU A 48 32.89 3.32 -12.61
C GLU A 48 32.05 4.47 -12.09
N ASP A 49 32.18 5.64 -12.72
CA ASP A 49 31.41 6.82 -12.36
C ASP A 49 29.92 6.56 -12.49
N ILE A 50 29.55 5.89 -13.59
CA ILE A 50 28.16 5.56 -13.85
C ILE A 50 27.57 4.67 -12.76
N LEU A 51 28.26 3.58 -12.45
CA LEU A 51 27.80 2.64 -11.43
C LEU A 51 27.64 3.30 -10.07
N ALA A 52 28.61 4.13 -9.70
CA ALA A 52 28.58 4.83 -8.42
C ALA A 52 27.33 5.70 -8.30
N LEU A 53 27.00 6.42 -9.36
CA LEU A 53 25.81 7.26 -9.38
C LEU A 53 24.53 6.43 -9.33
N VAL A 54 24.56 5.24 -9.91
CA VAL A 54 23.41 4.35 -9.91
C VAL A 54 23.07 3.83 -8.50
N GLN A 55 24.09 3.33 -7.79
CA GLN A 55 23.88 2.84 -6.42
C GLN A 55 23.42 3.97 -5.52
N GLU A 56 23.89 5.18 -5.81
CA GLU A 56 23.59 6.36 -5.00
C GLU A 56 22.12 6.76 -5.10
N LYS A 57 21.60 6.78 -6.31
CA LYS A 57 20.25 7.28 -6.55
C LYS A 57 19.19 6.17 -6.57
N ILE A 58 19.63 4.93 -6.79
CA ILE A 58 18.72 3.79 -6.79
C ILE A 58 19.19 2.75 -5.79
N LYS A 59 18.30 2.37 -4.87
CA LYS A 59 18.65 1.47 -3.78
C LYS A 59 18.52 -0.01 -4.15
N ASP A 60 17.44 -0.35 -4.85
CA ASP A 60 17.16 -1.75 -5.17
C ASP A 60 17.86 -2.17 -6.46
N PRO A 61 18.67 -3.23 -6.40
CA PRO A 61 19.44 -3.77 -7.53
C PRO A 61 18.59 -4.04 -8.78
N ALA A 62 17.35 -4.47 -8.60
CA ALA A 62 16.47 -4.74 -9.73
C ALA A 62 16.12 -3.46 -10.45
N LEU A 63 15.86 -2.40 -9.69
CA LEU A 63 15.57 -1.09 -10.26
C LEU A 63 16.84 -0.45 -10.82
N GLN A 64 17.98 -0.73 -10.19
CA GLN A 64 19.27 -0.30 -10.72
C GLN A 64 19.48 -0.88 -12.11
N SER A 65 19.16 -2.16 -12.24
CA SER A 65 19.28 -2.87 -13.51
C SER A 65 18.32 -2.32 -14.54
N THR A 66 17.13 -1.93 -14.07
CA THR A 66 16.12 -1.34 -14.93
C THR A 66 16.57 0.04 -15.43
N ALA A 67 17.10 0.84 -14.50
CA ALA A 67 17.58 2.17 -14.83
C ALA A 67 18.72 2.13 -15.85
N LEU A 68 19.59 1.14 -15.71
CA LEU A 68 20.70 0.96 -16.64
C LEU A 68 20.22 0.62 -18.04
N ASP A 69 19.20 -0.23 -18.14
CA ASP A 69 18.55 -0.51 -19.42
C ASP A 69 18.06 0.77 -20.07
N TYR A 70 17.47 1.65 -19.25
CA TYR A 70 16.94 2.92 -19.74
C TYR A 70 18.06 3.84 -20.24
N LEU A 71 19.12 3.94 -19.45
CA LEU A 71 20.24 4.82 -19.78
C LEU A 71 20.90 4.43 -21.10
N VAL A 72 21.11 3.13 -21.28
CA VAL A 72 21.69 2.62 -22.52
C VAL A 72 20.78 2.91 -23.72
N GLN A 73 19.47 2.75 -23.52
CA GLN A 73 18.51 2.91 -24.60
C GLN A 73 18.26 4.36 -24.98
N THR A 74 18.29 5.26 -24.01
CA THR A 74 17.93 6.66 -24.26
C THR A 74 19.08 7.51 -24.77
N THR A 75 20.30 7.02 -24.65
CA THR A 75 21.49 7.79 -25.02
C THR A 75 21.65 7.92 -26.53
N PRO A 76 21.53 9.16 -27.04
CA PRO A 76 21.53 9.53 -28.47
C PRO A 76 22.89 9.34 -29.15
N PRO A 77 22.92 9.40 -30.50
CA PRO A 77 24.16 9.22 -31.29
C PRO A 77 25.29 10.19 -30.94
N SER A 78 24.96 11.43 -30.60
CA SER A 78 25.98 12.44 -30.30
C SER A 78 26.86 12.03 -29.12
N GLN A 79 26.27 11.31 -28.16
CA GLN A 79 27.00 10.88 -26.99
C GLN A 79 27.43 9.42 -27.13
N GLY A 80 28.18 9.14 -28.19
CA GLY A 80 28.63 7.79 -28.48
C GLY A 80 29.52 7.21 -27.40
N LYS A 81 30.47 8.02 -26.93
CA LYS A 81 31.41 7.59 -25.90
C LYS A 81 30.69 7.20 -24.61
N LEU A 82 29.68 8.00 -24.25
CA LEU A 82 28.88 7.73 -23.06
C LEU A 82 28.14 6.40 -23.20
N LYS A 83 27.53 6.18 -24.36
CA LYS A 83 26.77 4.96 -24.62
C LYS A 83 27.64 3.72 -24.46
N GLU A 84 28.87 3.78 -24.97
CA GLU A 84 29.82 2.69 -24.82
C GLU A 84 30.12 2.44 -23.35
N ALA A 85 30.31 3.53 -22.59
CA ALA A 85 30.59 3.43 -21.17
C ALA A 85 29.40 2.86 -20.41
N LEU A 86 28.20 3.22 -20.82
CA LEU A 86 26.98 2.74 -20.18
C LEU A 86 26.76 1.24 -20.42
N ILE A 87 27.06 0.79 -21.64
CA ILE A 87 26.92 -0.63 -21.98
C ILE A 87 27.86 -1.47 -21.13
N GLN A 88 29.11 -1.02 -21.01
CA GLN A 88 30.09 -1.68 -20.16
C GLN A 88 29.65 -1.68 -18.70
N ALA A 89 29.17 -0.52 -18.25
CA ALA A 89 28.72 -0.37 -16.86
C ALA A 89 27.56 -1.31 -16.53
N ARG A 90 26.60 -1.41 -17.45
CA ARG A 90 25.47 -2.30 -17.26
C ARG A 90 25.93 -3.77 -17.19
N ASN A 91 26.88 -4.12 -18.05
CA ASN A 91 27.43 -5.47 -18.07
C ASN A 91 28.14 -5.81 -16.76
N THR A 92 28.88 -4.84 -16.22
CA THR A 92 29.57 -5.03 -14.95
C THR A 92 28.56 -5.21 -13.81
N HIS A 93 27.51 -4.41 -13.84
CA HIS A 93 26.44 -4.50 -12.86
C HIS A 93 25.78 -5.87 -12.87
N THR A 94 25.43 -6.35 -14.06
CA THR A 94 24.83 -7.67 -14.22
C THR A 94 25.77 -8.76 -13.73
N GLU A 95 27.07 -8.60 -14.01
CA GLU A 95 28.06 -9.57 -13.57
C GLU A 95 28.21 -9.57 -12.05
N GLN A 96 28.20 -8.38 -11.46
CA GLN A 96 28.38 -8.22 -10.03
C GLN A 96 27.20 -8.76 -9.21
N PHE A 97 26.00 -8.34 -9.58
CA PHE A 97 24.81 -8.70 -8.81
C PHE A 97 24.18 -10.02 -9.26
N GLY A 98 24.36 -10.35 -10.54
CA GLY A 98 23.81 -11.57 -11.10
C GLY A 98 22.30 -11.70 -10.95
N ARG A 99 21.87 -12.80 -10.34
CA ARG A 99 20.44 -13.08 -10.20
C ARG A 99 19.74 -12.07 -9.30
N THR A 100 20.50 -11.46 -8.39
CA THR A 100 19.96 -10.44 -7.49
C THR A 100 19.42 -9.25 -8.30
N ALA A 101 20.01 -9.03 -9.47
CA ALA A 101 19.56 -7.96 -10.35
C ALA A 101 18.61 -8.46 -11.43
N ILE A 102 19.06 -9.44 -12.21
CA ILE A 102 18.30 -9.91 -13.36
C ILE A 102 17.08 -10.75 -12.97
N GLY A 103 17.28 -11.68 -12.04
CA GLY A 103 16.20 -12.52 -11.55
C GLY A 103 15.09 -11.71 -10.89
N ALA A 104 15.48 -10.74 -10.08
CA ALA A 104 14.52 -9.86 -9.41
C ALA A 104 13.78 -8.98 -10.43
N LYS A 105 14.51 -8.47 -11.42
CA LYS A 105 13.93 -7.62 -12.44
C LYS A 105 12.89 -8.36 -13.28
N ASN A 106 13.10 -9.66 -13.49
CA ASN A 106 12.18 -10.46 -14.29
C ASN A 106 10.86 -10.78 -13.57
N ILE A 107 10.79 -10.49 -12.28
CA ILE A 107 9.56 -10.69 -11.52
C ILE A 107 9.11 -9.38 -10.90
N LEU A 108 9.64 -8.28 -11.43
CA LEU A 108 9.38 -6.94 -10.91
C LEU A 108 7.89 -6.60 -10.86
N PHE A 109 7.21 -6.72 -12.01
CA PHE A 109 5.80 -6.33 -12.11
C PHE A 109 4.88 -7.29 -11.36
N ALA A 110 5.24 -8.56 -11.36
CA ALA A 110 4.50 -9.56 -10.60
C ALA A 110 4.55 -9.24 -9.12
N SER A 111 5.75 -8.91 -8.64
CA SER A 111 5.97 -8.61 -7.24
C SER A 111 5.18 -7.38 -6.80
N GLN A 112 5.05 -6.41 -7.69
CA GLN A 112 4.32 -5.19 -7.38
C GLN A 112 2.81 -5.42 -7.32
N GLU A 113 2.29 -6.24 -8.23
CA GLU A 113 0.87 -6.53 -8.26
C GLU A 113 0.43 -7.33 -7.03
N TYR A 114 1.24 -8.28 -6.62
CA TYR A 114 0.93 -9.11 -5.46
C TYR A 114 1.14 -8.37 -4.14
N ALA A 115 2.17 -7.53 -4.10
CA ALA A 115 2.45 -6.74 -2.89
C ALA A 115 1.33 -5.74 -2.61
N ASP A 116 0.64 -5.34 -3.66
CA ASP A 116 -0.48 -4.40 -3.54
C ASP A 116 -1.63 -5.00 -2.73
N GLN A 117 -1.61 -6.33 -2.57
CA GLN A 117 -2.66 -7.03 -1.85
C GLN A 117 -2.22 -7.40 -0.43
N LEU A 118 -0.96 -7.14 -0.13
CA LEU A 118 -0.40 -7.48 1.19
C LEU A 118 0.17 -6.26 1.91
N ASN A 119 0.55 -6.45 3.16
CA ASN A 119 1.27 -5.43 3.90
C ASN A 119 2.77 -5.72 3.85
N VAL A 120 3.25 -5.97 2.64
CA VAL A 120 4.67 -6.24 2.41
C VAL A 120 5.12 -5.45 1.18
N SER A 121 6.41 -5.13 1.11
CA SER A 121 6.94 -4.42 -0.03
C SER A 121 7.18 -5.36 -1.20
N PRO A 122 7.12 -4.83 -2.44
CA PRO A 122 7.42 -5.63 -3.63
C PRO A 122 8.83 -6.23 -3.58
N SER A 123 9.77 -5.47 -3.03
CA SER A 123 11.15 -5.94 -2.93
C SER A 123 11.25 -7.06 -1.91
N GLY A 124 10.39 -7.01 -0.90
CA GLY A 124 10.31 -8.05 0.10
C GLY A 124 9.90 -9.37 -0.52
N LEU A 125 8.96 -9.31 -1.45
CA LEU A 125 8.50 -10.49 -2.16
C LEU A 125 9.58 -11.03 -3.09
N ARG A 126 10.30 -10.14 -3.75
CA ARG A 126 11.38 -10.54 -4.66
C ARG A 126 12.52 -11.20 -3.90
N SER A 127 12.81 -10.67 -2.71
CA SER A 127 13.82 -11.26 -1.85
C SER A 127 13.42 -12.67 -1.43
N LEU A 128 12.15 -12.84 -1.06
CA LEU A 128 11.62 -14.15 -0.72
C LEU A 128 11.69 -15.13 -1.89
N TYR A 129 11.24 -14.70 -3.06
CA TYR A 129 11.28 -15.53 -4.25
C TYR A 129 12.70 -16.01 -4.55
N LEU A 130 13.66 -15.09 -4.47
CA LEU A 130 15.06 -15.41 -4.70
C LEU A 130 15.56 -16.44 -3.69
N GLU A 131 15.16 -16.29 -2.43
CA GLU A 131 15.55 -17.22 -1.38
C GLU A 131 14.92 -18.60 -1.59
N VAL A 132 13.63 -18.62 -1.92
CA VAL A 132 12.89 -19.87 -2.11
C VAL A 132 13.44 -20.67 -3.28
N THR A 133 13.68 -19.99 -4.40
CA THR A 133 14.11 -20.65 -5.62
C THR A 133 15.63 -20.75 -5.69
N GLY A 134 16.32 -20.13 -4.74
CA GLY A 134 17.76 -20.14 -4.71
C GLY A 134 18.35 -21.41 -4.14
N ASP A 135 17.49 -22.31 -3.67
CA ASP A 135 17.92 -23.57 -3.07
C ASP A 135 16.79 -24.59 -3.08
N THR A 136 17.15 -25.85 -2.85
CA THR A 136 16.14 -26.90 -2.73
C THR A 136 15.29 -26.63 -1.50
N HIS A 137 13.98 -26.78 -1.63
CA HIS A 137 13.07 -26.60 -0.50
C HIS A 137 11.91 -27.58 -0.57
N THR A 138 11.68 -28.27 0.54
CA THR A 138 10.52 -29.15 0.67
C THR A 138 9.31 -28.36 1.10
N CYS A 139 8.14 -29.00 1.07
CA CYS A 139 6.90 -28.38 1.54
C CYS A 139 7.03 -27.85 2.97
N ASP A 140 7.54 -28.69 3.86
CA ASP A 140 7.71 -28.33 5.26
C ASP A 140 8.66 -27.16 5.45
N GLN A 141 9.76 -27.16 4.72
CA GLN A 141 10.74 -26.07 4.80
C GLN A 141 10.11 -24.76 4.33
N LEU A 142 9.30 -24.83 3.28
CA LEU A 142 8.56 -23.67 2.80
C LEU A 142 7.60 -23.17 3.86
N LEU A 143 6.94 -24.09 4.56
CA LEU A 143 5.99 -23.75 5.60
C LEU A 143 6.67 -23.03 6.77
N SER A 144 7.74 -23.63 7.29
CA SER A 144 8.52 -23.05 8.37
C SER A 144 9.02 -21.66 8.00
N MET A 145 9.41 -21.50 6.74
CA MET A 145 9.90 -20.24 6.22
C MET A 145 8.83 -19.16 6.28
N LEU A 146 7.63 -19.49 5.80
CA LEU A 146 6.53 -18.55 5.76
C LEU A 146 5.94 -18.27 7.15
N GLN A 147 6.06 -19.24 8.05
CA GLN A 147 5.40 -19.18 9.36
C GLN A 147 5.90 -18.03 10.23
N ASP A 148 7.18 -17.70 10.10
CA ASP A 148 7.77 -16.63 10.89
C ASP A 148 7.51 -15.25 10.28
N ARG A 149 7.32 -15.21 8.97
CA ARG A 149 7.25 -13.96 8.24
C ARG A 149 5.82 -13.46 7.97
N TYR A 150 4.87 -14.38 7.84
CA TYR A 150 3.53 -14.00 7.42
C TYR A 150 2.42 -14.60 8.28
N THR A 151 1.27 -13.91 8.28
CA THR A 151 0.05 -14.48 8.82
C THR A 151 -0.39 -15.60 7.88
N TYR A 152 -1.18 -16.53 8.39
CA TYR A 152 -1.63 -17.67 7.59
C TYR A 152 -2.52 -17.25 6.43
N GLN A 153 -3.37 -16.24 6.63
CA GLN A 153 -4.24 -15.78 5.55
C GLN A 153 -3.44 -15.10 4.43
N ASP A 154 -2.31 -14.51 4.78
CA ASP A 154 -1.44 -13.90 3.77
C ASP A 154 -0.65 -14.95 2.99
N MET A 155 -0.42 -16.10 3.61
CA MET A 155 0.40 -17.15 3.01
C MET A 155 -0.16 -17.66 1.68
N ALA A 156 -1.48 -17.66 1.56
CA ALA A 156 -2.14 -18.13 0.34
C ALA A 156 -1.75 -17.25 -0.86
N ILE A 157 -1.86 -15.93 -0.67
CA ILE A 157 -1.48 -14.99 -1.71
C ILE A 157 0.02 -15.08 -2.01
N VAL A 158 0.82 -15.19 -0.95
CA VAL A 158 2.27 -15.32 -1.09
C VAL A 158 2.64 -16.58 -1.87
N SER A 159 1.94 -17.68 -1.58
CA SER A 159 2.17 -18.94 -2.27
C SER A 159 1.85 -18.80 -3.77
N SER A 160 0.79 -18.05 -4.07
CA SER A 160 0.39 -17.81 -5.45
C SER A 160 1.43 -16.96 -6.18
N PHE A 161 2.01 -15.99 -5.48
CA PHE A 161 3.08 -15.18 -6.05
C PHE A 161 4.28 -16.05 -6.41
N LEU A 162 4.61 -16.99 -5.52
CA LEU A 162 5.73 -17.89 -5.74
C LEU A 162 5.49 -18.76 -6.97
N MET A 163 4.26 -19.26 -7.11
CA MET A 163 3.89 -20.08 -8.26
C MET A 163 3.95 -19.28 -9.55
N LYS A 164 3.49 -18.03 -9.49
CA LYS A 164 3.49 -17.15 -10.65
C LYS A 164 4.92 -16.85 -11.10
N GLY A 165 5.79 -16.60 -10.14
CA GLY A 165 7.19 -16.36 -10.42
C GLY A 165 7.89 -17.55 -11.04
N MET A 166 7.61 -18.74 -10.50
CA MET A 166 8.26 -19.96 -10.97
C MET A 166 7.74 -20.34 -12.36
N ALA A 167 6.46 -20.07 -12.61
CA ALA A 167 5.88 -20.28 -13.92
C ALA A 167 6.57 -19.40 -14.96
N THR A 168 6.92 -18.19 -14.54
CA THR A 168 7.65 -17.24 -15.39
C THR A 168 9.05 -17.77 -15.64
N GLY A 169 9.67 -18.32 -14.61
CA GLY A 169 11.00 -18.87 -14.69
C GLY A 169 11.11 -20.07 -15.62
N LEU A 170 9.99 -20.78 -15.80
CA LEU A 170 9.97 -21.95 -16.68
C LEU A 170 9.98 -21.54 -18.15
N LYS A 171 9.29 -20.45 -18.46
CA LYS A 171 9.25 -19.93 -19.82
C LYS A 171 10.62 -19.42 -20.27
N ARG A 172 11.23 -18.57 -19.45
CA ARG A 172 12.49 -17.93 -19.79
C ARG A 172 13.67 -18.91 -19.90
N GLN A 173 13.61 -20.00 -19.14
CA GLN A 173 14.68 -21.00 -19.11
C GLN A 173 16.03 -20.35 -18.82
N GLY A 174 16.09 -19.55 -17.75
CA GLY A 174 17.29 -18.80 -17.41
C GLY A 174 18.48 -19.67 -17.07
N PRO A 175 19.64 -19.02 -16.84
CA PRO A 175 20.89 -19.70 -16.51
C PRO A 175 21.08 -19.92 -15.00
N TYR A 176 20.29 -19.23 -14.20
CA TYR A 176 20.49 -19.23 -12.74
C TYR A 176 19.90 -20.47 -12.08
N VAL A 177 18.63 -20.78 -12.38
CA VAL A 177 17.96 -21.92 -11.78
C VAL A 177 17.46 -22.89 -12.84
N PRO A 178 17.91 -24.14 -12.76
CA PRO A 178 17.58 -25.19 -13.76
C PRO A 178 16.09 -25.51 -13.81
N SER A 179 15.62 -25.91 -14.98
CA SER A 179 14.22 -26.22 -15.21
C SER A 179 13.69 -27.31 -14.27
N ALA A 180 14.45 -28.39 -14.14
CA ALA A 180 14.05 -29.52 -13.31
C ALA A 180 13.82 -29.11 -11.85
N GLN A 181 14.63 -28.18 -11.37
CA GLN A 181 14.50 -27.69 -10.00
C GLN A 181 13.22 -26.89 -9.80
N LEU A 182 12.89 -26.05 -10.78
CA LEU A 182 11.67 -25.26 -10.73
C LEU A 182 10.46 -26.17 -10.68
N GLN A 183 10.52 -27.26 -11.43
CA GLN A 183 9.45 -28.26 -11.46
C GLN A 183 9.20 -28.84 -10.08
N VAL A 184 10.27 -29.25 -9.42
CA VAL A 184 10.20 -29.80 -8.07
C VAL A 184 9.72 -28.74 -7.09
N LEU A 185 10.21 -27.51 -7.27
CA LEU A 185 9.82 -26.39 -6.42
C LEU A 185 8.33 -26.09 -6.53
N MET A 186 7.80 -26.15 -7.75
CA MET A 186 6.38 -25.91 -7.98
C MET A 186 5.53 -27.01 -7.35
N THR A 187 6.02 -28.25 -7.45
CA THR A 187 5.35 -29.39 -6.83
C THR A 187 5.27 -29.22 -5.32
N GLU A 188 6.40 -28.84 -4.72
CA GLU A 188 6.46 -28.62 -3.27
C GLU A 188 5.59 -27.45 -2.84
N THR A 189 5.53 -26.41 -3.67
CA THR A 189 4.73 -25.24 -3.36
C THR A 189 3.24 -25.56 -3.48
N ARG A 190 2.89 -26.42 -4.43
CA ARG A 190 1.52 -26.92 -4.55
C ARG A 190 1.14 -27.71 -3.30
N ASN A 191 2.08 -28.50 -2.80
CA ASN A 191 1.87 -29.24 -1.56
C ASN A 191 1.69 -28.30 -0.37
N LEU A 192 2.43 -27.19 -0.40
CA LEU A 192 2.29 -26.15 0.61
C LEU A 192 0.89 -25.57 0.62
N GLN A 193 0.38 -25.28 -0.58
CA GLN A 193 -0.96 -24.71 -0.73
C GLN A 193 -2.03 -25.67 -0.21
N ALA A 194 -1.79 -26.96 -0.36
CA ALA A 194 -2.69 -27.97 0.16
C ALA A 194 -2.68 -27.98 1.69
N VAL A 195 -1.47 -27.93 2.25
CA VAL A 195 -1.29 -27.85 3.69
C VAL A 195 -1.97 -26.61 4.29
N LEU A 196 -1.87 -25.49 3.57
CA LEU A 196 -2.46 -24.23 4.02
C LEU A 196 -3.98 -24.30 4.17
N THR A 197 -4.63 -25.13 3.36
CA THR A 197 -6.07 -25.28 3.43
C THR A 197 -6.51 -25.81 4.80
N SER A 198 -5.69 -26.66 5.39
CA SER A 198 -5.98 -27.20 6.72
C SER A 198 -5.90 -26.11 7.78
N TYR A 199 -4.81 -25.35 7.77
CA TYR A 199 -4.64 -24.24 8.70
C TYR A 199 -5.77 -23.23 8.54
N ASP A 200 -6.16 -22.97 7.31
CA ASP A 200 -7.27 -22.08 7.01
C ASP A 200 -8.57 -22.63 7.59
N TYR A 201 -8.78 -23.93 7.42
CA TYR A 201 -9.98 -24.59 7.91
C TYR A 201 -10.07 -24.54 9.42
N PHE A 202 -9.00 -24.95 10.09
CA PHE A 202 -8.99 -25.02 11.56
C PHE A 202 -9.00 -23.64 12.22
N GLU A 203 -8.37 -22.66 11.59
CA GLU A 203 -8.35 -21.29 12.13
C GLU A 203 -9.76 -20.76 12.30
N SER A 204 -10.64 -21.13 11.39
CA SER A 204 -12.04 -20.73 11.45
C SER A 204 -12.86 -21.58 12.42
N ARG A 205 -12.69 -22.90 12.33
CA ARG A 205 -13.56 -23.83 13.04
C ARG A 205 -13.21 -24.04 14.52
N VAL A 206 -11.91 -24.05 14.84
CA VAL A 206 -11.48 -24.31 16.21
C VAL A 206 -12.04 -23.30 17.23
N PRO A 207 -12.00 -21.99 16.93
CA PRO A 207 -12.63 -21.06 17.88
C PRO A 207 -14.14 -21.31 18.04
N ILE A 208 -14.78 -21.85 17.01
CA ILE A 208 -16.20 -22.19 17.08
C ILE A 208 -16.42 -23.36 18.03
N LEU A 209 -15.53 -24.35 17.96
CA LEU A 209 -15.58 -25.49 18.88
C LEU A 209 -15.35 -25.04 20.32
N LEU A 210 -14.37 -24.16 20.50
CA LEU A 210 -14.01 -23.67 21.83
C LEU A 210 -15.15 -22.87 22.46
N ASP A 211 -15.80 -22.03 21.67
CA ASP A 211 -16.94 -21.27 22.15
C ASP A 211 -18.10 -22.19 22.53
N SER A 212 -18.29 -23.25 21.75
CA SER A 212 -19.33 -24.23 22.01
C SER A 212 -19.06 -24.96 23.32
N LEU A 213 -17.83 -25.40 23.52
CA LEU A 213 -17.44 -26.13 24.73
C LEU A 213 -17.53 -25.21 25.95
N LYS A 214 -17.16 -23.95 25.77
CA LYS A 214 -17.23 -22.98 26.86
C LYS A 214 -18.68 -22.74 27.26
N ALA A 215 -19.56 -22.71 26.26
CA ALA A 215 -20.98 -22.45 26.47
C ALA A 215 -21.65 -23.48 27.35
N GLU A 216 -21.10 -24.69 27.40
CA GLU A 216 -21.63 -25.74 28.26
C GLU A 216 -20.74 -25.99 29.48
N GLY A 217 -19.92 -25.00 29.81
CA GLY A 217 -19.12 -25.04 31.03
C GLY A 217 -17.94 -26.00 30.99
N ILE A 218 -17.55 -26.41 29.79
CA ILE A 218 -16.39 -27.29 29.64
C ILE A 218 -15.10 -26.50 29.39
N GLN A 219 -14.13 -26.69 30.29
CA GLN A 219 -12.85 -26.01 30.18
C GLN A 219 -11.92 -26.73 29.22
N THR A 220 -11.24 -25.97 28.36
CA THR A 220 -10.30 -26.54 27.41
C THR A 220 -8.87 -26.11 27.77
N PRO A 221 -7.86 -26.91 27.40
CA PRO A 221 -6.47 -26.58 27.71
C PRO A 221 -6.02 -25.26 27.10
N SER A 222 -5.26 -24.48 27.86
CA SER A 222 -4.80 -23.17 27.43
C SER A 222 -3.77 -23.27 26.31
N ASP A 223 -3.07 -24.40 26.24
CA ASP A 223 -2.05 -24.60 25.22
C ASP A 223 -2.63 -25.07 23.89
N LEU A 224 -3.95 -25.02 23.79
CA LEU A 224 -4.65 -25.50 22.60
C LEU A 224 -4.98 -24.36 21.63
N ASN A 225 -4.55 -24.51 20.39
CA ASN A 225 -4.85 -23.52 19.35
C ASN A 225 -4.97 -24.20 17.98
N PHE A 226 -5.40 -23.43 16.98
CA PHE A 226 -5.67 -24.00 15.66
C PHE A 226 -4.40 -24.52 14.97
N VAL A 227 -3.25 -23.98 15.34
CA VAL A 227 -1.98 -24.45 14.80
C VAL A 227 -1.66 -25.84 15.34
N LYS A 228 -1.87 -26.02 16.65
CA LYS A 228 -1.67 -27.30 17.30
C LYS A 228 -2.60 -28.37 16.70
N VAL A 229 -3.85 -27.99 16.50
CA VAL A 229 -4.85 -28.89 15.94
C VAL A 229 -4.49 -29.27 14.51
N ALA A 230 -4.03 -28.29 13.73
CA ALA A 230 -3.63 -28.52 12.35
C ALA A 230 -2.45 -29.47 12.25
N GLU A 231 -1.49 -29.33 13.18
CA GLU A 231 -0.32 -30.19 13.20
C GLU A 231 -0.70 -31.62 13.58
N SER A 232 -1.68 -31.77 14.47
CA SER A 232 -2.17 -33.09 14.85
C SER A 232 -2.87 -33.75 13.68
N TYR A 233 -3.69 -32.96 12.98
CA TYR A 233 -4.38 -33.41 11.78
C TYR A 233 -3.41 -33.96 10.74
N HIS A 234 -2.33 -33.23 10.51
CA HIS A 234 -1.32 -33.64 9.53
C HIS A 234 -0.52 -34.84 10.03
N LYS A 235 -0.31 -34.90 11.34
CA LYS A 235 0.37 -36.04 11.96
C LYS A 235 -0.44 -37.31 11.75
N ILE A 236 -1.75 -37.19 11.89
CA ILE A 236 -2.66 -38.30 11.70
C ILE A 236 -2.76 -38.70 10.23
N ILE A 237 -2.85 -37.71 9.35
CA ILE A 237 -2.89 -37.96 7.91
C ILE A 237 -1.61 -38.63 7.42
N ASN A 238 -0.48 -38.20 7.96
CA ASN A 238 0.82 -38.73 7.56
C ASN A 238 1.13 -40.08 8.21
N ASP A 239 0.17 -40.60 8.97
CA ASP A 239 0.28 -41.94 9.52
C ASP A 239 -0.31 -42.92 8.50
N LYS A 240 0.57 -43.72 7.90
CA LYS A 240 0.18 -44.57 6.78
C LYS A 240 -0.59 -45.82 7.21
N PHE A 241 -0.64 -46.08 8.51
CA PHE A 241 -1.43 -47.18 9.05
C PHE A 241 -2.29 -46.72 10.22
N PRO A 242 -3.34 -45.92 9.93
CA PRO A 242 -4.17 -45.35 10.98
C PRO A 242 -5.01 -46.39 11.74
N THR A 243 -5.10 -46.22 13.06
CA THR A 243 -6.00 -47.03 13.87
C THR A 243 -6.86 -46.09 14.73
N ALA A 244 -8.00 -46.60 15.19
CA ALA A 244 -8.89 -45.82 16.03
C ALA A 244 -8.20 -45.42 17.34
N SER A 245 -7.41 -46.33 17.88
CA SER A 245 -6.66 -46.08 19.10
C SER A 245 -5.68 -44.91 18.97
N LYS A 246 -4.89 -44.92 17.90
CA LYS A 246 -3.89 -43.89 17.69
C LYS A 246 -4.54 -42.52 17.46
N VAL A 247 -5.64 -42.51 16.72
CA VAL A 247 -6.37 -41.28 16.45
C VAL A 247 -6.96 -40.72 17.75
N GLU A 248 -7.55 -41.60 18.56
CA GLU A 248 -8.14 -41.19 19.82
C GLU A 248 -7.08 -40.65 20.78
N ARG A 249 -5.94 -41.32 20.83
CA ARG A 249 -4.84 -40.91 21.70
C ARG A 249 -4.30 -39.53 21.31
N GLU A 250 -4.19 -39.30 20.01
CA GLU A 250 -3.70 -38.03 19.49
C GLU A 250 -4.63 -36.88 19.88
N VAL A 251 -5.93 -37.13 19.78
CA VAL A 251 -6.93 -36.14 20.15
C VAL A 251 -6.91 -35.86 21.65
N ARG A 252 -6.76 -36.92 22.45
CA ARG A 252 -6.70 -36.77 23.91
C ARG A 252 -5.46 -36.00 24.35
N ASN A 253 -4.33 -36.23 23.69
CA ASN A 253 -3.12 -35.45 23.96
C ASN A 253 -3.31 -33.99 23.58
N LEU A 254 -4.23 -33.76 22.65
CA LEU A 254 -4.47 -32.42 22.12
C LEU A 254 -5.38 -31.57 23.01
N ILE A 255 -6.50 -32.16 23.47
CA ILE A 255 -7.54 -31.38 24.14
C ILE A 255 -7.92 -31.94 25.52
N GLY A 256 -7.32 -33.05 25.90
CA GLY A 256 -7.64 -33.65 27.20
C GLY A 256 -8.64 -34.78 27.11
N ASP A 257 -9.22 -35.16 28.26
CA ASP A 257 -10.00 -36.38 28.36
C ASP A 257 -11.52 -36.17 28.42
N ASP A 258 -11.97 -34.92 28.38
CA ASP A 258 -13.41 -34.65 28.40
C ASP A 258 -14.06 -35.22 27.13
N VAL A 259 -15.12 -36.00 27.33
CA VAL A 259 -15.73 -36.75 26.23
C VAL A 259 -16.31 -35.84 25.14
N ASP A 260 -16.94 -34.74 25.52
CA ASP A 260 -17.49 -33.80 24.55
C ASP A 260 -16.39 -33.07 23.80
N SER A 261 -15.27 -32.84 24.49
CA SER A 261 -14.12 -32.18 23.88
C SER A 261 -13.47 -33.10 22.85
N VAL A 262 -13.24 -34.35 23.24
CA VAL A 262 -12.64 -35.33 22.36
C VAL A 262 -13.52 -35.57 21.13
N THR A 263 -14.81 -35.77 21.38
CA THR A 263 -15.79 -35.95 20.31
C THR A 263 -15.80 -34.76 19.35
N GLY A 264 -15.75 -33.55 19.90
CA GLY A 264 -15.77 -32.34 19.11
C GLY A 264 -14.60 -32.25 18.13
N VAL A 265 -13.41 -32.60 18.62
CA VAL A 265 -12.21 -32.58 17.79
C VAL A 265 -12.28 -33.66 16.72
N LEU A 266 -12.75 -34.84 17.10
CA LEU A 266 -12.89 -35.96 16.17
C LEU A 266 -13.84 -35.62 15.03
N ASN A 267 -14.97 -35.00 15.38
CA ASN A 267 -15.94 -34.55 14.37
C ASN A 267 -15.32 -33.49 13.48
N LEU A 268 -14.47 -32.66 14.06
CA LEU A 268 -13.77 -31.62 13.31
C LEU A 268 -12.79 -32.24 12.31
N PHE A 269 -12.06 -33.24 12.77
CA PHE A 269 -11.13 -33.98 11.91
C PHE A 269 -11.85 -34.67 10.76
N PHE A 270 -12.99 -35.29 11.07
CA PHE A 270 -13.77 -36.00 10.07
C PHE A 270 -14.33 -35.04 9.03
N SER A 271 -14.82 -33.90 9.50
CA SER A 271 -15.34 -32.86 8.60
C SER A 271 -14.24 -32.30 7.72
N ALA A 272 -13.01 -32.30 8.23
CA ALA A 272 -11.87 -31.77 7.49
C ALA A 272 -11.55 -32.60 6.25
N LEU A 273 -11.96 -33.87 6.27
CA LEU A 273 -11.66 -34.77 5.16
C LEU A 273 -12.38 -34.39 3.88
N ARG A 274 -13.47 -33.63 4.01
CA ARG A 274 -14.19 -33.15 2.84
C ARG A 274 -14.05 -31.64 2.64
N GLN A 275 -13.32 -30.98 3.53
CA GLN A 275 -13.19 -29.53 3.47
C GLN A 275 -11.77 -29.09 3.15
N THR A 276 -10.83 -30.02 3.27
CA THR A 276 -9.43 -29.71 2.98
C THR A 276 -9.03 -30.31 1.63
N SER A 277 -7.89 -29.85 1.12
CA SER A 277 -7.44 -30.21 -0.22
C SER A 277 -7.24 -31.71 -0.42
N SER A 278 -7.67 -32.21 -1.58
CA SER A 278 -7.52 -33.61 -1.93
C SER A 278 -6.04 -33.98 -2.07
N ARG A 279 -5.23 -32.98 -2.36
CA ARG A 279 -3.79 -33.17 -2.54
C ARG A 279 -3.09 -33.60 -1.25
N LEU A 280 -3.74 -33.34 -0.11
CA LEU A 280 -3.22 -33.73 1.19
C LEU A 280 -3.04 -35.24 1.32
N PHE A 281 -3.79 -36.00 0.54
CA PHE A 281 -3.79 -37.46 0.66
C PHE A 281 -3.09 -38.11 -0.53
N SER A 282 -2.06 -38.90 -0.24
CA SER A 282 -1.26 -39.55 -1.29
C SER A 282 -1.96 -40.77 -1.88
N SER A 283 -3.02 -41.23 -1.23
CA SER A 283 -3.80 -42.34 -1.75
C SER A 283 -5.26 -42.29 -1.30
N ALA A 284 -6.17 -42.69 -2.19
CA ALA A 284 -7.59 -42.75 -1.87
C ALA A 284 -7.87 -43.75 -0.76
N ASP A 285 -7.08 -44.82 -0.72
CA ASP A 285 -7.25 -45.88 0.27
C ASP A 285 -7.09 -45.39 1.70
N LYS A 286 -6.05 -44.59 1.95
CA LYS A 286 -5.76 -44.11 3.30
C LYS A 286 -6.75 -43.04 3.76
N ARG A 287 -7.14 -42.15 2.86
CA ARG A 287 -8.17 -41.17 3.15
C ARG A 287 -9.44 -41.87 3.61
N GLN A 288 -9.87 -42.86 2.84
CA GLN A 288 -11.04 -43.67 3.19
C GLN A 288 -10.84 -44.39 4.53
N GLN A 289 -9.67 -45.00 4.70
CA GLN A 289 -9.35 -45.72 5.93
C GLN A 289 -9.30 -44.79 7.13
N LEU A 290 -8.81 -43.57 6.92
CA LEU A 290 -8.73 -42.60 8.01
C LEU A 290 -10.12 -42.15 8.44
N GLY A 291 -11.01 -41.98 7.47
CA GLY A 291 -12.40 -41.67 7.74
C GLY A 291 -13.03 -42.74 8.60
N ALA A 292 -12.76 -44.00 8.26
CA ALA A 292 -13.25 -45.14 9.02
C ALA A 292 -12.75 -45.12 10.46
N MET A 293 -11.46 -44.86 10.63
CA MET A 293 -10.84 -44.90 11.95
C MET A 293 -11.34 -43.77 12.85
N ILE A 294 -11.59 -42.60 12.28
CA ILE A 294 -12.16 -41.49 13.02
C ILE A 294 -13.58 -41.84 13.44
N ALA A 295 -14.33 -42.44 12.53
CA ALA A 295 -15.68 -42.91 12.82
C ALA A 295 -15.66 -43.95 13.94
N ASN A 296 -14.68 -44.85 13.88
CA ASN A 296 -14.52 -45.86 14.91
C ASN A 296 -14.13 -45.25 16.25
N ALA A 297 -13.27 -44.24 16.20
CA ALA A 297 -12.83 -43.54 17.41
C ALA A 297 -13.99 -42.84 18.10
N LEU A 298 -14.86 -42.23 17.31
CA LEU A 298 -16.07 -41.59 17.81
C LEU A 298 -16.97 -42.56 18.58
N ASP A 299 -17.13 -43.75 18.02
CA ASP A 299 -17.97 -44.79 18.64
C ASP A 299 -17.38 -45.27 19.96
N ALA A 300 -16.08 -45.53 19.95
CA ALA A 300 -15.37 -46.00 21.14
C ALA A 300 -15.45 -44.98 22.29
N VAL A 301 -15.35 -43.70 21.94
CA VAL A 301 -15.32 -42.62 22.92
C VAL A 301 -16.67 -42.42 23.61
N ASN A 302 -17.76 -42.56 22.85
CA ASN A 302 -19.08 -42.27 23.39
C ASN A 302 -19.70 -43.43 24.16
N ILE A 303 -20.65 -43.11 25.03
CA ILE A 303 -21.24 -44.08 25.94
C ILE A 303 -22.24 -44.98 25.25
N ASN A 304 -21.90 -46.26 25.13
CA ASN A 304 -22.79 -47.24 24.50
C ASN A 304 -23.40 -48.19 25.53
N MET B 7 4.73 13.83 19.56
CA MET B 7 5.67 12.71 19.60
C MET B 7 5.57 11.84 18.35
N SER B 8 4.46 11.99 17.63
CA SER B 8 4.26 11.24 16.39
C SER B 8 5.28 11.67 15.35
N HIS B 9 5.67 10.74 14.49
CA HIS B 9 6.67 11.04 13.46
C HIS B 9 6.20 12.08 12.45
N LEU B 10 4.90 12.12 12.20
CA LEU B 10 4.33 13.09 11.27
C LEU B 10 4.58 14.52 11.75
N ASN B 11 4.26 14.77 13.02
CA ASN B 11 4.48 16.09 13.61
C ASN B 11 5.96 16.42 13.70
N TYR B 12 6.78 15.41 13.96
CA TYR B 12 8.23 15.58 13.97
C TYR B 12 8.73 16.11 12.63
N LEU B 13 8.22 15.51 11.55
CA LEU B 13 8.60 15.91 10.21
C LEU B 13 8.12 17.32 9.87
N LEU B 14 6.86 17.60 10.18
CA LEU B 14 6.28 18.92 9.89
C LEU B 14 6.99 20.05 10.62
N GLU B 15 7.32 19.81 11.89
CA GLU B 15 8.06 20.80 12.68
C GLU B 15 9.48 20.94 12.14
N LYS B 16 10.07 19.81 11.76
CA LYS B 16 11.40 19.78 11.14
C LYS B 16 11.44 20.64 9.88
N ILE B 17 10.45 20.47 9.01
CA ILE B 17 10.35 21.22 7.77
C ILE B 17 10.11 22.70 8.02
N ALA B 18 9.15 23.01 8.88
CA ALA B 18 8.78 24.38 9.21
C ALA B 18 9.96 25.15 9.79
N ALA B 19 10.70 24.50 10.69
CA ALA B 19 11.85 25.10 11.33
C ALA B 19 12.90 25.57 10.32
N SER B 20 13.20 24.71 9.35
CA SER B 20 14.26 25.00 8.38
C SER B 20 13.79 25.92 7.26
N SER B 21 12.55 26.40 7.35
CA SER B 21 12.06 27.36 6.37
C SER B 21 11.98 28.77 6.98
N LYS B 22 11.71 29.76 6.14
CA LYS B 22 11.53 31.13 6.62
C LYS B 22 10.05 31.41 6.87
N GLU B 23 9.27 30.34 6.93
CA GLU B 23 7.83 30.45 7.12
C GLU B 23 7.41 29.79 8.44
N ASP B 24 6.41 30.37 9.09
CA ASP B 24 5.82 29.79 10.29
C ASP B 24 5.21 28.42 9.97
N PHE B 25 4.49 28.35 8.86
CA PHE B 25 3.79 27.14 8.46
C PHE B 25 3.74 27.04 6.94
N PRO B 26 4.75 26.42 6.34
CA PRO B 26 4.91 26.42 4.88
C PRO B 26 4.04 25.36 4.18
N PHE B 27 2.78 25.27 4.57
CA PHE B 27 1.87 24.29 4.02
C PHE B 27 0.48 24.91 3.82
N PRO B 28 -0.33 24.30 2.96
CA PRO B 28 -1.73 24.74 2.85
C PRO B 28 -2.47 24.52 4.16
N ASP B 29 -3.41 25.42 4.48
CA ASP B 29 -4.19 25.31 5.70
C ASP B 29 -5.21 24.17 5.62
N ASP B 30 -5.75 23.95 4.42
CA ASP B 30 -6.87 23.06 4.25
C ASP B 30 -6.56 22.01 3.19
N LEU B 31 -6.01 20.88 3.61
CA LEU B 31 -5.62 19.82 2.69
C LEU B 31 -6.82 19.17 2.01
N GLU B 32 -7.98 19.22 2.65
CA GLU B 32 -9.19 18.69 2.04
C GLU B 32 -9.53 19.48 0.77
N SER B 33 -9.49 20.80 0.89
CA SER B 33 -9.75 21.67 -0.25
C SER B 33 -8.63 21.60 -1.26
N TYR B 34 -7.40 21.47 -0.76
CA TYR B 34 -6.21 21.44 -1.60
C TYR B 34 -6.17 20.20 -2.49
N LEU B 35 -6.73 19.10 -2.01
CA LEU B 35 -6.67 17.82 -2.72
C LEU B 35 -7.93 17.53 -3.53
N GLU B 36 -8.95 18.38 -3.40
CA GLU B 36 -10.22 18.16 -4.09
C GLU B 36 -10.06 18.19 -5.60
N GLY B 37 -10.57 17.14 -6.26
CA GLY B 37 -10.53 17.06 -7.71
C GLY B 37 -9.15 16.78 -8.27
N TYR B 38 -8.22 16.43 -7.39
CA TYR B 38 -6.84 16.21 -7.79
C TYR B 38 -6.62 14.79 -8.33
N VAL B 39 -6.16 14.71 -9.57
CA VAL B 39 -5.74 13.44 -10.14
C VAL B 39 -4.28 13.54 -10.55
N PRO B 40 -3.39 12.91 -9.76
CA PRO B 40 -1.95 12.98 -10.00
C PRO B 40 -1.57 12.47 -11.39
N ASP B 41 -0.83 13.28 -12.13
CA ASP B 41 -0.42 12.93 -13.48
C ASP B 41 1.07 12.59 -13.46
N LYS B 42 1.38 11.30 -13.60
CA LYS B 42 2.74 10.81 -13.53
C LYS B 42 3.64 11.34 -14.64
N ASN B 43 3.04 11.97 -15.64
CA ASN B 43 3.81 12.46 -16.79
C ASN B 43 4.13 13.95 -16.70
N ILE B 44 3.71 14.58 -15.60
CA ILE B 44 4.12 15.96 -15.33
C ILE B 44 5.45 15.93 -14.60
N ALA B 45 6.47 16.54 -15.20
CA ALA B 45 7.83 16.44 -14.68
C ALA B 45 8.04 17.37 -13.47
N LEU B 46 7.29 17.13 -12.41
CA LEU B 46 7.40 17.92 -11.19
C LEU B 46 7.85 17.06 -10.01
N ASP B 47 8.80 17.57 -9.25
CA ASP B 47 9.21 16.90 -8.01
C ASP B 47 8.09 16.91 -6.99
N THR B 48 7.91 15.79 -6.30
CA THR B 48 6.96 15.72 -5.19
C THR B 48 7.51 16.50 -4.00
N TYR B 49 6.64 16.82 -3.05
CA TYR B 49 7.07 17.54 -1.86
C TYR B 49 7.89 16.65 -0.93
N GLN B 50 7.71 15.35 -1.05
CA GLN B 50 8.59 14.40 -0.36
C GLN B 50 10.03 14.62 -0.82
N LYS B 51 10.18 14.74 -2.14
CA LYS B 51 11.47 14.99 -2.77
C LYS B 51 12.04 16.34 -2.35
N ILE B 52 11.22 17.39 -2.51
CA ILE B 52 11.61 18.75 -2.18
C ILE B 52 12.05 18.91 -0.72
N PHE B 53 11.32 18.28 0.20
CA PHE B 53 11.59 18.42 1.62
C PHE B 53 12.56 17.38 2.15
N LYS B 54 13.14 16.59 1.24
CA LYS B 54 14.13 15.58 1.56
C LYS B 54 13.61 14.57 2.59
N ILE B 55 12.39 14.11 2.39
CA ILE B 55 11.79 13.11 3.27
C ILE B 55 12.07 11.71 2.74
N SER B 56 12.64 10.86 3.58
CA SER B 56 12.95 9.49 3.17
C SER B 56 11.67 8.67 3.08
N SER B 57 11.70 7.62 2.26
CA SER B 57 10.54 6.75 2.11
C SER B 57 10.26 5.99 3.41
N GLU B 58 11.30 5.77 4.20
CA GLU B 58 11.15 5.16 5.51
C GLU B 58 10.35 6.06 6.43
N ASP B 59 10.56 7.37 6.32
CA ASP B 59 9.83 8.36 7.11
C ASP B 59 8.34 8.33 6.79
N LEU B 60 8.00 8.26 5.51
CA LEU B 60 6.62 8.23 5.09
C LEU B 60 5.94 6.94 5.52
N GLU B 61 6.71 5.85 5.51
CA GLU B 61 6.20 4.56 5.92
C GLU B 61 5.81 4.57 7.40
N LYS B 62 6.65 5.19 8.22
CA LYS B 62 6.36 5.34 9.64
C LYS B 62 5.05 6.08 9.85
N VAL B 63 4.87 7.15 9.09
CA VAL B 63 3.66 7.96 9.16
C VAL B 63 2.45 7.16 8.69
N TYR B 64 2.66 6.33 7.66
CA TYR B 64 1.60 5.48 7.14
C TYR B 64 1.08 4.52 8.21
N LYS B 65 2.00 3.93 8.96
CA LYS B 65 1.63 3.01 10.04
C LYS B 65 0.83 3.74 11.12
N GLU B 66 1.21 4.98 11.41
CA GLU B 66 0.49 5.80 12.37
C GLU B 66 -0.94 6.04 11.94
N GLY B 67 -1.12 6.33 10.65
CA GLY B 67 -2.45 6.54 10.10
C GLY B 67 -3.26 5.26 10.05
N TYR B 68 -2.59 4.15 9.72
CA TYR B 68 -3.25 2.86 9.66
C TYR B 68 -3.66 2.39 11.05
N HIS B 69 -2.79 2.61 12.04
CA HIS B 69 -3.09 2.30 13.43
C HIS B 69 -4.35 3.02 13.89
N ALA B 70 -4.45 4.31 13.54
CA ALA B 70 -5.62 5.11 13.88
C ALA B 70 -6.87 4.54 13.22
N TYR B 71 -6.73 4.07 11.99
CA TYR B 71 -7.84 3.45 11.26
C TYR B 71 -8.32 2.19 11.96
N LEU B 72 -7.38 1.37 12.42
CA LEU B 72 -7.70 0.13 13.12
C LEU B 72 -8.35 0.40 14.48
N ASP B 73 -8.11 1.58 15.04
CA ASP B 73 -8.72 1.95 16.31
C ASP B 73 -10.05 2.66 16.08
N LYS B 74 -10.51 2.63 14.83
CA LYS B 74 -11.76 3.26 14.41
C LYS B 74 -11.74 4.77 14.59
N ASP B 75 -10.56 5.34 14.74
CA ASP B 75 -10.41 6.78 14.76
C ASP B 75 -10.19 7.26 13.33
N TYR B 76 -11.27 7.34 12.58
CA TYR B 76 -11.20 7.66 11.15
C TYR B 76 -10.81 9.11 10.92
N ALA B 77 -11.28 10.00 11.78
CA ALA B 77 -10.96 11.42 11.68
C ALA B 77 -9.45 11.63 11.74
N LYS B 78 -8.78 10.95 12.66
CA LYS B 78 -7.33 11.06 12.80
C LYS B 78 -6.60 10.42 11.61
N SER B 79 -7.13 9.29 11.14
CA SER B 79 -6.53 8.59 10.01
C SER B 79 -6.62 9.42 8.75
N ILE B 80 -7.77 10.08 8.55
CA ILE B 80 -7.98 10.93 7.38
C ILE B 80 -6.97 12.09 7.36
N THR B 81 -6.76 12.71 8.51
CA THR B 81 -5.77 13.77 8.65
C THR B 81 -4.39 13.31 8.19
N VAL B 82 -3.98 12.13 8.66
CA VAL B 82 -2.65 11.60 8.36
C VAL B 82 -2.47 11.27 6.89
N PHE B 83 -3.43 10.57 6.30
CA PHE B 83 -3.33 10.15 4.91
C PHE B 83 -3.32 11.30 3.93
N ARG B 84 -4.05 12.38 4.25
CA ARG B 84 -4.01 13.57 3.42
C ARG B 84 -2.63 14.21 3.38
N TRP B 85 -1.96 14.23 4.52
CA TRP B 85 -0.57 14.72 4.58
C TRP B 85 0.35 13.84 3.74
N LEU B 86 0.17 12.53 3.84
CA LEU B 86 0.97 11.58 3.07
C LEU B 86 0.76 11.77 1.57
N VAL B 87 -0.49 11.96 1.18
CA VAL B 87 -0.84 12.18 -0.23
C VAL B 87 -0.27 13.52 -0.68
N PHE B 88 -0.24 14.48 0.23
CA PHE B 88 0.36 15.78 -0.04
C PHE B 88 1.86 15.65 -0.35
N PHE B 89 2.53 14.80 0.40
CA PHE B 89 3.96 14.59 0.23
C PHE B 89 4.28 13.77 -1.01
N ASN B 90 3.53 12.70 -1.23
CA ASN B 90 3.72 11.86 -2.41
C ASN B 90 2.41 11.25 -2.87
N PRO B 91 1.72 11.94 -3.80
CA PRO B 91 0.40 11.52 -4.29
C PRO B 91 0.45 10.37 -5.29
N PHE B 92 1.64 9.82 -5.54
CA PHE B 92 1.78 8.73 -6.50
C PHE B 92 1.89 7.36 -5.83
N VAL B 93 1.76 7.34 -4.50
CA VAL B 93 1.71 6.07 -3.77
C VAL B 93 0.26 5.65 -3.60
N SER B 94 -0.13 4.59 -4.31
CA SER B 94 -1.52 4.19 -4.42
C SER B 94 -2.17 3.78 -3.09
N LYS B 95 -1.38 3.18 -2.20
CA LYS B 95 -1.92 2.73 -0.92
C LYS B 95 -2.26 3.90 0.00
N PHE B 96 -1.64 5.05 -0.24
CA PHE B 96 -1.97 6.25 0.52
C PHE B 96 -3.39 6.70 0.19
N TRP B 97 -3.68 6.76 -1.11
CA TRP B 97 -5.01 7.10 -1.60
C TRP B 97 -6.05 6.06 -1.20
N PHE B 98 -5.65 4.80 -1.23
CA PHE B 98 -6.57 3.70 -0.93
C PHE B 98 -6.99 3.72 0.53
N SER B 99 -6.02 3.91 1.42
CA SER B 99 -6.29 3.98 2.85
C SER B 99 -7.08 5.26 3.17
N LEU B 100 -6.82 6.32 2.42
CA LEU B 100 -7.56 7.57 2.57
C LEU B 100 -9.01 7.35 2.18
N GLY B 101 -9.21 6.63 1.08
CA GLY B 101 -10.54 6.32 0.58
C GLY B 101 -11.33 5.48 1.56
N ALA B 102 -10.68 4.46 2.13
CA ALA B 102 -11.31 3.58 3.11
C ALA B 102 -11.73 4.34 4.36
N SER B 103 -10.89 5.27 4.80
CA SER B 103 -11.18 6.07 5.98
C SER B 103 -12.38 7.00 5.74
N LEU B 104 -12.41 7.62 4.56
CA LEU B 104 -13.53 8.45 4.16
C LEU B 104 -14.79 7.60 4.01
N HIS B 105 -14.61 6.39 3.48
CA HIS B 105 -15.70 5.43 3.32
C HIS B 105 -16.35 5.11 4.66
N MET B 106 -15.52 4.75 5.65
CA MET B 106 -16.00 4.45 6.98
C MET B 106 -16.59 5.67 7.68
N SER B 107 -16.17 6.86 7.24
CA SER B 107 -16.68 8.10 7.81
C SER B 107 -17.95 8.55 7.09
N GLU B 108 -18.37 7.73 6.12
CA GLU B 108 -19.56 7.99 5.31
C GLU B 108 -19.42 9.27 4.49
N GLN B 109 -18.17 9.61 4.17
CA GLN B 109 -17.89 10.70 3.25
C GLN B 109 -17.62 10.09 1.88
N TYR B 110 -18.70 9.65 1.23
CA TYR B 110 -18.61 8.80 0.05
C TYR B 110 -18.08 9.51 -1.18
N SER B 111 -18.54 10.74 -1.41
CA SER B 111 -18.11 11.54 -2.55
C SER B 111 -16.59 11.67 -2.60
N GLN B 112 -15.99 11.93 -1.44
CA GLN B 112 -14.54 12.07 -1.35
C GLN B 112 -13.86 10.70 -1.31
N ALA B 113 -14.55 9.71 -0.77
CA ALA B 113 -14.06 8.34 -0.77
C ALA B 113 -13.95 7.83 -2.21
N LEU B 114 -14.96 8.16 -3.02
CA LEU B 114 -14.99 7.79 -4.43
C LEU B 114 -13.82 8.39 -5.20
N HIS B 115 -13.54 9.66 -4.95
CA HIS B 115 -12.41 10.33 -5.61
C HIS B 115 -11.09 9.65 -5.29
N ALA B 116 -10.91 9.31 -4.01
CA ALA B 116 -9.68 8.66 -3.57
C ALA B 116 -9.55 7.26 -4.18
N TYR B 117 -10.66 6.54 -4.23
CA TYR B 117 -10.69 5.23 -4.87
C TYR B 117 -10.36 5.35 -6.35
N GLY B 118 -10.89 6.39 -6.99
CA GLY B 118 -10.67 6.63 -8.40
C GLY B 118 -9.21 6.91 -8.72
N VAL B 119 -8.56 7.67 -7.84
CA VAL B 119 -7.14 7.96 -8.01
C VAL B 119 -6.31 6.69 -7.84
N THR B 120 -6.70 5.88 -6.85
CA THR B 120 -6.05 4.59 -6.61
C THR B 120 -6.10 3.72 -7.86
N ALA B 121 -7.25 3.75 -8.53
CA ALA B 121 -7.44 2.99 -9.76
C ALA B 121 -6.47 3.44 -10.85
N VAL B 122 -6.37 4.76 -11.04
CA VAL B 122 -5.46 5.34 -12.03
C VAL B 122 -4.01 4.93 -11.76
N LEU B 123 -3.61 5.00 -10.51
CA LEU B 123 -2.24 4.68 -10.11
C LEU B 123 -1.98 3.18 -10.14
N ARG B 124 -3.05 2.40 -10.08
CA ARG B 124 -2.94 0.95 -9.92
C ARG B 124 -3.96 0.24 -10.80
N ASP B 125 -3.72 0.29 -12.10
CA ASP B 125 -4.70 -0.15 -13.11
C ASP B 125 -5.13 -1.61 -13.00
N LYS B 126 -4.22 -2.49 -12.60
CA LYS B 126 -4.51 -3.92 -12.59
C LYS B 126 -5.43 -4.35 -11.44
N ASP B 127 -5.50 -3.54 -10.40
CA ASP B 127 -6.27 -3.89 -9.21
C ASP B 127 -7.76 -3.66 -9.42
N PRO B 128 -8.56 -4.72 -9.27
CA PRO B 128 -10.03 -4.62 -9.38
C PRO B 128 -10.69 -4.01 -8.15
N TYR B 129 -10.04 -4.14 -6.99
CA TYR B 129 -10.63 -3.72 -5.73
C TYR B 129 -10.99 -2.23 -5.59
N PRO B 130 -10.14 -1.31 -6.11
CA PRO B 130 -10.57 0.09 -6.04
C PRO B 130 -11.88 0.34 -6.78
N HIS B 131 -12.08 -0.36 -7.90
CA HIS B 131 -13.32 -0.24 -8.66
C HIS B 131 -14.48 -0.87 -7.91
N TYR B 132 -14.22 -1.98 -7.23
CA TYR B 132 -15.24 -2.66 -6.44
C TYR B 132 -15.74 -1.80 -5.29
N TYR B 133 -14.82 -1.14 -4.59
CA TYR B 133 -15.19 -0.27 -3.49
C TYR B 133 -15.82 1.02 -4.00
N ALA B 134 -15.49 1.38 -5.23
CA ALA B 134 -16.17 2.49 -5.90
C ALA B 134 -17.62 2.08 -6.17
N TYR B 135 -17.80 0.83 -6.58
CA TYR B 135 -19.12 0.26 -6.80
C TYR B 135 -19.98 0.31 -5.54
N ILE B 136 -19.40 -0.12 -4.43
CA ILE B 136 -20.07 -0.09 -3.13
C ILE B 136 -20.54 1.32 -2.77
N CYS B 137 -19.64 2.29 -2.94
CA CYS B 137 -19.96 3.68 -2.61
C CYS B 137 -21.03 4.24 -3.54
N TYR B 138 -20.92 3.95 -4.83
CA TYR B 138 -21.91 4.39 -5.81
C TYR B 138 -23.28 3.80 -5.48
N THR B 139 -23.28 2.60 -4.90
CA THR B 139 -24.53 1.98 -4.46
C THR B 139 -25.12 2.76 -3.29
N LEU B 140 -24.27 3.19 -2.36
CA LEU B 140 -24.72 3.93 -1.19
C LEU B 140 -25.14 5.36 -1.54
N THR B 141 -24.63 5.85 -2.65
CA THR B 141 -25.00 7.18 -3.15
C THR B 141 -26.12 7.06 -4.18
N ASN B 142 -26.45 5.82 -4.52
CA ASN B 142 -27.50 5.52 -5.49
C ASN B 142 -27.24 6.23 -6.81
N GLU B 143 -26.17 5.79 -7.47
CA GLU B 143 -25.82 6.24 -8.80
C GLU B 143 -25.61 4.96 -9.59
N HIS B 144 -26.71 4.38 -10.02
CA HIS B 144 -26.71 3.09 -10.68
C HIS B 144 -26.02 3.12 -12.04
N GLU B 145 -25.81 4.31 -12.60
CA GLU B 145 -25.14 4.40 -13.88
C GLU B 145 -23.64 4.56 -13.68
N GLU B 146 -23.22 4.68 -12.41
CA GLU B 146 -21.79 4.63 -12.09
C GLU B 146 -21.42 3.35 -11.35
N ALA B 147 -22.42 2.72 -10.73
CA ALA B 147 -22.20 1.49 -9.95
C ALA B 147 -21.83 0.29 -10.82
N GLU B 148 -22.64 0.05 -11.85
CA GLU B 148 -22.45 -1.07 -12.76
C GLU B 148 -21.16 -0.90 -13.55
N LYS B 149 -20.90 0.33 -14.00
CA LYS B 149 -19.68 0.63 -14.74
C LYS B 149 -18.45 0.35 -13.90
N ALA B 150 -18.52 0.66 -12.61
CA ALA B 150 -17.41 0.41 -11.71
C ALA B 150 -17.31 -1.09 -11.38
N LEU B 151 -18.47 -1.75 -11.33
CA LEU B 151 -18.50 -3.19 -11.08
C LEU B 151 -17.88 -3.95 -12.25
N GLU B 152 -18.23 -3.53 -13.46
CA GLU B 152 -17.68 -4.13 -14.68
C GLU B 152 -16.17 -3.95 -14.76
N MET B 153 -15.69 -2.77 -14.37
CA MET B 153 -14.27 -2.47 -14.41
C MET B 153 -13.52 -3.38 -13.45
N ALA B 154 -14.12 -3.64 -12.30
CA ALA B 154 -13.56 -4.59 -11.34
C ALA B 154 -13.60 -5.99 -11.94
N TRP B 155 -14.72 -6.33 -12.56
CA TRP B 155 -14.92 -7.63 -13.18
C TRP B 155 -13.86 -7.98 -14.21
N VAL B 156 -13.57 -7.03 -15.10
CA VAL B 156 -12.57 -7.22 -16.15
C VAL B 156 -11.20 -7.53 -15.55
N ARG B 157 -10.83 -6.81 -14.50
CA ARG B 157 -9.55 -6.97 -13.85
C ARG B 157 -9.50 -8.17 -12.90
N ALA B 158 -10.67 -8.63 -12.46
CA ALA B 158 -10.74 -9.71 -11.48
C ALA B 158 -10.67 -11.10 -12.12
N GLN B 159 -11.39 -11.29 -13.22
CA GLN B 159 -11.46 -12.59 -13.87
C GLN B 159 -10.12 -13.01 -14.47
N HIS B 160 -10.00 -14.30 -14.78
CA HIS B 160 -8.84 -14.90 -15.43
C HIS B 160 -7.61 -15.00 -14.51
N LYS B 161 -7.57 -14.17 -13.47
CA LYS B 161 -6.44 -14.18 -12.55
C LYS B 161 -6.78 -14.87 -11.23
N PRO B 162 -5.91 -15.81 -10.80
CA PRO B 162 -6.11 -16.55 -9.55
C PRO B 162 -5.99 -15.65 -8.33
N LEU B 163 -5.28 -14.54 -8.47
CA LEU B 163 -5.09 -13.58 -7.39
C LEU B 163 -6.40 -12.92 -6.97
N TYR B 164 -7.31 -12.77 -7.92
CA TYR B 164 -8.55 -12.04 -7.67
C TYR B 164 -9.82 -12.90 -7.76
N ASN B 165 -9.71 -14.19 -7.48
CA ASN B 165 -10.86 -15.07 -7.66
C ASN B 165 -11.95 -14.84 -6.61
N GLU B 166 -11.55 -14.64 -5.36
CA GLU B 166 -12.51 -14.35 -4.29
C GLU B 166 -13.41 -13.18 -4.64
N LEU B 167 -12.83 -12.17 -5.28
CA LEU B 167 -13.59 -11.01 -5.73
C LEU B 167 -14.44 -11.39 -6.93
N LYS B 168 -13.89 -12.19 -7.83
CA LYS B 168 -14.60 -12.67 -9.00
C LYS B 168 -15.85 -13.44 -8.59
N GLU B 169 -15.72 -14.26 -7.54
CA GLU B 169 -16.84 -15.01 -7.01
C GLU B 169 -17.94 -14.08 -6.50
N GLU B 170 -17.53 -13.07 -5.76
CA GLU B 170 -18.47 -12.09 -5.19
C GLU B 170 -19.25 -11.38 -6.29
N ILE B 171 -18.55 -10.97 -7.34
CA ILE B 171 -19.19 -10.25 -8.45
C ILE B 171 -20.18 -11.16 -9.19
N LEU B 172 -19.81 -12.43 -9.34
CA LEU B 172 -20.73 -13.42 -9.89
C LEU B 172 -21.96 -13.56 -9.01
N ASP B 173 -21.74 -13.60 -7.71
CA ASP B 173 -22.82 -13.73 -6.74
C ASP B 173 -23.75 -12.53 -6.76
N ILE B 174 -23.17 -11.35 -6.99
CA ILE B 174 -23.94 -10.12 -7.10
C ILE B 174 -24.85 -10.14 -8.33
N ARG B 175 -24.30 -10.60 -9.45
CA ARG B 175 -25.03 -10.56 -10.71
C ARG B 175 -25.95 -11.77 -10.89
N LYS B 176 -27.08 -11.75 -10.19
CA LYS B 176 -28.09 -12.80 -10.28
C LYS B 176 -29.26 -12.48 -9.34
N THR C 16 18.89 43.48 42.19
CA THR C 16 19.25 44.38 43.28
C THR C 16 18.01 45.09 43.83
N ASP C 17 17.82 46.35 43.43
CA ASP C 17 16.59 47.05 43.77
C ASP C 17 15.54 46.84 42.67
N LEU C 18 14.34 47.34 42.89
CA LEU C 18 13.22 47.07 42.00
C LEU C 18 13.41 47.70 40.62
N ALA C 19 13.99 48.90 40.58
CA ALA C 19 14.24 49.60 39.33
C ALA C 19 15.15 48.80 38.41
N ASP C 20 16.18 48.19 38.97
CA ASP C 20 17.11 47.37 38.21
C ASP C 20 16.41 46.13 37.65
N LYS C 21 15.44 45.61 38.40
CA LYS C 21 14.72 44.41 37.99
C LYS C 21 13.83 44.69 36.77
N TYR C 22 13.16 45.83 36.79
CA TYR C 22 12.36 46.28 35.65
C TYR C 22 13.22 46.45 34.39
N ALA C 23 14.41 47.01 34.58
CA ALA C 23 15.27 47.40 33.47
C ALA C 23 16.20 46.28 33.00
N SER C 24 16.31 45.23 33.81
CA SER C 24 17.30 44.16 33.57
C SER C 24 17.20 43.56 32.17
N GLY C 25 15.99 43.19 31.76
CA GLY C 25 15.78 42.60 30.45
C GLY C 25 15.19 43.56 29.44
N ASN C 26 15.16 44.84 29.80
CA ASN C 26 14.56 45.86 28.94
C ASN C 26 15.63 46.79 28.39
N SER C 27 15.90 46.68 27.09
CA SER C 27 17.01 47.42 26.48
C SER C 27 16.67 48.88 26.18
N GLU C 28 15.44 49.29 26.47
CA GLU C 28 15.02 50.66 26.20
C GLU C 28 14.92 51.51 27.46
N ILE C 29 15.29 50.95 28.61
CA ILE C 29 15.31 51.72 29.84
C ILE C 29 16.30 51.16 30.85
N SER C 30 16.83 52.03 31.70
CA SER C 30 17.78 51.63 32.73
C SER C 30 17.23 51.90 34.12
N GLY C 31 17.80 51.24 35.12
CA GLY C 31 17.37 51.43 36.49
C GLY C 31 17.60 52.87 36.94
N GLN C 32 18.68 53.46 36.44
CA GLN C 32 19.01 54.85 36.72
C GLN C 32 17.90 55.81 36.28
N GLU C 33 17.37 55.57 35.08
CA GLU C 33 16.32 56.42 34.52
C GLU C 33 14.99 56.28 35.25
N LEU C 34 14.71 55.07 35.74
CA LEU C 34 13.49 54.84 36.50
C LEU C 34 13.57 55.50 37.87
N ARG C 35 14.71 55.38 38.53
CA ARG C 35 14.93 56.01 39.83
C ARG C 35 14.93 57.53 39.70
N GLY C 36 15.46 58.01 38.58
CA GLY C 36 15.48 59.44 38.30
C GLY C 36 14.08 60.02 38.22
N LEU C 37 13.17 59.27 37.61
CA LEU C 37 11.77 59.68 37.52
C LEU C 37 11.14 59.65 38.91
N ARG C 38 11.42 58.59 39.66
CA ARG C 38 10.93 58.44 41.02
C ARG C 38 11.38 59.59 41.91
N ASP C 39 12.65 59.99 41.77
CA ASP C 39 13.22 61.04 42.60
C ASP C 39 12.67 62.42 42.23
N ALA C 40 12.10 62.53 41.04
CA ALA C 40 11.56 63.79 40.56
C ALA C 40 10.13 64.03 41.06
N ILE C 41 9.50 62.97 41.57
CA ILE C 41 8.11 63.06 42.01
C ILE C 41 8.00 63.19 43.54
N GLY C 42 7.47 64.32 43.98
CA GLY C 42 7.30 64.59 45.40
C GLY C 42 6.08 63.91 46.00
N ASP C 43 6.04 63.83 47.33
CA ASP C 43 4.94 63.19 48.04
C ASP C 43 3.59 63.86 47.76
N ASP C 44 3.62 65.14 47.46
CA ASP C 44 2.40 65.92 47.29
C ASP C 44 2.06 66.14 45.81
N ALA C 45 2.68 65.34 44.94
CA ALA C 45 2.47 65.49 43.51
C ALA C 45 1.09 65.00 43.09
N SER C 46 0.44 65.77 42.23
CA SER C 46 -0.86 65.41 41.69
C SER C 46 -0.70 64.48 40.49
N PRO C 47 -1.76 63.74 40.13
CA PRO C 47 -1.75 62.90 38.92
C PRO C 47 -1.30 63.68 37.68
N GLU C 48 -1.77 64.91 37.55
CA GLU C 48 -1.35 65.77 36.44
C GLU C 48 0.15 66.03 36.47
N ASP C 49 0.67 66.35 37.65
CA ASP C 49 2.09 66.58 37.84
C ASP C 49 2.89 65.32 37.49
N ILE C 50 2.40 64.18 37.94
CA ILE C 50 3.03 62.90 37.68
C ILE C 50 3.12 62.61 36.17
N LEU C 51 1.99 62.72 35.49
CA LEU C 51 1.94 62.45 34.05
C LEU C 51 2.87 63.39 33.28
N ALA C 52 2.87 64.66 33.67
CA ALA C 52 3.72 65.66 33.04
C ALA C 52 5.20 65.26 33.09
N LEU C 53 5.64 64.81 34.26
CA LEU C 53 7.01 64.35 34.45
C LEU C 53 7.29 63.09 33.63
N VAL C 54 6.28 62.25 33.46
CA VAL C 54 6.43 61.02 32.69
C VAL C 54 6.66 61.28 31.21
N GLN C 55 5.84 62.14 30.61
CA GLN C 55 6.02 62.50 29.21
C GLN C 55 7.36 63.20 29.00
N GLU C 56 7.78 63.95 30.01
CA GLU C 56 9.01 64.73 29.93
C GLU C 56 10.26 63.84 29.88
N LYS C 57 10.29 62.83 30.76
CA LYS C 57 11.49 62.00 30.90
C LYS C 57 11.42 60.73 30.05
N ILE C 58 10.21 60.32 29.69
CA ILE C 58 10.02 59.15 28.85
C ILE C 58 9.19 59.48 27.61
N LYS C 59 9.74 59.21 26.43
CA LYS C 59 9.11 59.59 25.17
C LYS C 59 8.12 58.54 24.67
N ASP C 60 8.49 57.27 24.79
CA ASP C 60 7.68 56.18 24.24
C ASP C 60 6.60 55.75 25.22
N PRO C 61 5.34 55.79 24.78
CA PRO C 61 4.15 55.44 25.57
C PRO C 61 4.23 54.07 26.24
N ALA C 62 4.85 53.10 25.56
CA ALA C 62 5.01 51.77 26.12
C ALA C 62 5.93 51.79 27.33
N LEU C 63 7.00 52.55 27.23
CA LEU C 63 7.94 52.69 28.34
C LEU C 63 7.34 53.59 29.42
N GLN C 64 6.55 54.56 29.01
CA GLN C 64 5.80 55.40 29.96
C GLN C 64 4.88 54.53 30.81
N SER C 65 4.20 53.61 30.14
CA SER C 65 3.28 52.69 30.82
C SER C 65 4.03 51.75 31.75
N THR C 66 5.23 51.34 31.33
CA THR C 66 6.08 50.48 32.14
C THR C 66 6.59 51.22 33.38
N ALA C 67 7.03 52.46 33.18
CA ALA C 67 7.55 53.28 34.27
C ALA C 67 6.49 53.53 35.33
N LEU C 68 5.25 53.74 34.90
CA LEU C 68 4.13 53.95 35.82
C LEU C 68 3.89 52.70 36.66
N ASP C 69 3.97 51.54 36.02
CA ASP C 69 3.88 50.27 36.73
C ASP C 69 4.94 50.19 37.83
N TYR C 70 6.15 50.65 37.51
CA TYR C 70 7.25 50.66 38.46
C TYR C 70 6.98 51.59 39.64
N LEU C 71 6.52 52.80 39.33
CA LEU C 71 6.27 53.83 40.34
C LEU C 71 5.20 53.39 41.33
N VAL C 72 4.12 52.80 40.83
CA VAL C 72 3.05 52.30 41.68
C VAL C 72 3.56 51.19 42.60
N GLN C 73 4.41 50.32 42.05
CA GLN C 73 4.89 49.16 42.78
C GLN C 73 5.94 49.50 43.83
N THR C 74 6.78 50.50 43.54
CA THR C 74 7.92 50.81 44.41
C THR C 74 7.58 51.75 45.55
N THR C 75 6.43 52.42 45.48
CA THR C 75 6.06 53.41 46.47
C THR C 75 5.64 52.76 47.80
N PRO C 76 6.43 53.02 48.85
CA PRO C 76 6.30 52.41 50.18
C PRO C 76 5.05 52.88 50.93
N PRO C 77 4.68 52.20 52.05
CA PRO C 77 3.50 52.54 52.84
C PRO C 77 3.46 53.98 53.37
N SER C 78 4.62 54.54 53.72
CA SER C 78 4.68 55.88 54.29
C SER C 78 4.12 56.95 53.35
N GLN C 79 4.28 56.75 52.05
CA GLN C 79 3.81 57.71 51.06
C GLN C 79 2.48 57.27 50.47
N GLY C 80 1.46 57.15 51.32
CA GLY C 80 0.15 56.68 50.90
C GLY C 80 -0.54 57.56 49.89
N LYS C 81 -0.53 58.87 50.13
CA LYS C 81 -1.17 59.82 49.22
C LYS C 81 -0.54 59.79 47.83
N LEU C 82 0.78 59.69 47.78
CA LEU C 82 1.49 59.62 46.51
C LEU C 82 1.08 58.36 45.74
N LYS C 83 1.04 57.23 46.42
CA LYS C 83 0.67 55.97 45.79
C LYS C 83 -0.74 56.04 45.21
N GLU C 84 -1.64 56.67 45.94
CA GLU C 84 -3.00 56.90 45.47
C GLU C 84 -3.01 57.74 44.19
N ALA C 85 -2.20 58.79 44.20
CA ALA C 85 -2.08 59.69 43.06
C ALA C 85 -1.47 58.98 41.84
N LEU C 86 -0.51 58.10 42.10
CA LEU C 86 0.15 57.35 41.03
C LEU C 86 -0.79 56.37 40.35
N ILE C 87 -1.63 55.70 41.14
CA ILE C 87 -2.59 54.74 40.61
C ILE C 87 -3.57 55.45 39.67
N GLN C 88 -4.08 56.59 40.11
CA GLN C 88 -4.98 57.40 39.30
C GLN C 88 -4.29 57.87 38.02
N ALA C 89 -3.05 58.34 38.15
CA ALA C 89 -2.28 58.82 37.02
C ALA C 89 -2.05 57.73 35.98
N ARG C 90 -1.72 56.53 36.45
CA ARG C 90 -1.52 55.39 35.56
C ARG C 90 -2.82 55.05 34.82
N ASN C 91 -3.93 55.08 35.54
CA ASN C 91 -5.23 54.81 34.96
C ASN C 91 -5.59 55.81 33.86
N THR C 92 -5.27 57.08 34.13
CA THR C 92 -5.52 58.14 33.17
C THR C 92 -4.66 57.95 31.92
N HIS C 93 -3.40 57.59 32.14
CA HIS C 93 -2.46 57.31 31.06
C HIS C 93 -2.96 56.17 30.17
N THR C 94 -3.36 55.08 30.80
CA THR C 94 -3.90 53.91 30.10
C THR C 94 -5.15 54.27 29.29
N GLU C 95 -6.00 55.13 29.85
CA GLU C 95 -7.22 55.55 29.18
C GLU C 95 -6.95 56.40 27.94
N GLN C 96 -5.98 57.31 28.03
CA GLN C 96 -5.65 58.20 26.92
C GLN C 96 -5.01 57.50 25.74
N PHE C 97 -3.98 56.69 26.02
CA PHE C 97 -3.21 56.07 24.96
C PHE C 97 -3.84 54.74 24.54
N GLY C 98 -4.52 54.09 25.47
CA GLY C 98 -5.16 52.82 25.20
C GLY C 98 -4.17 51.79 24.70
N ARG C 99 -4.46 51.25 23.51
CA ARG C 99 -3.63 50.20 22.93
C ARG C 99 -2.23 50.71 22.58
N THR C 100 -2.12 52.02 22.34
CA THR C 100 -0.82 52.63 22.02
C THR C 100 0.17 52.42 23.17
N ALA C 101 -0.35 52.32 24.38
CA ALA C 101 0.48 52.06 25.56
C ALA C 101 0.51 50.58 25.93
N ILE C 102 -0.68 50.01 26.14
CA ILE C 102 -0.80 48.64 26.64
C ILE C 102 -0.45 47.58 25.60
N GLY C 103 -0.96 47.76 24.38
CA GLY C 103 -0.67 46.83 23.29
C GLY C 103 0.81 46.78 22.95
N ALA C 104 1.44 47.95 22.91
CA ALA C 104 2.87 48.05 22.63
C ALA C 104 3.70 47.44 23.76
N LYS C 105 3.30 47.69 25.00
CA LYS C 105 4.00 47.18 26.16
C LYS C 105 4.01 45.65 26.22
N ASN C 106 2.93 45.03 25.75
CA ASN C 106 2.82 43.57 25.77
C ASN C 106 3.69 42.87 24.71
N ILE C 107 4.26 43.64 23.79
CA ILE C 107 5.16 43.07 22.78
C ILE C 107 6.54 43.73 22.88
N LEU C 108 6.80 44.35 24.03
CA LEU C 108 8.03 45.08 24.28
C LEU C 108 9.29 44.23 24.07
N PHE C 109 9.38 43.12 24.78
CA PHE C 109 10.57 42.28 24.74
C PHE C 109 10.75 41.56 23.41
N ALA C 110 9.64 41.17 22.79
CA ALA C 110 9.69 40.55 21.47
C ALA C 110 10.25 41.55 20.45
N SER C 111 9.77 42.78 20.53
CA SER C 111 10.21 43.83 19.61
C SER C 111 11.69 44.12 19.74
N GLN C 112 12.21 44.05 20.96
CA GLN C 112 13.62 44.30 21.22
C GLN C 112 14.51 43.17 20.68
N GLU C 113 14.05 41.93 20.84
CA GLU C 113 14.82 40.78 20.37
C GLU C 113 14.90 40.74 18.85
N TYR C 114 13.79 41.07 18.19
CA TYR C 114 13.74 41.05 16.73
C TYR C 114 14.44 42.27 16.12
N ALA C 115 14.33 43.43 16.78
CA ALA C 115 14.99 44.64 16.29
C ALA C 115 16.51 44.49 16.34
N ASP C 116 17.00 43.66 17.25
CA ASP C 116 18.43 43.40 17.37
C ASP C 116 19.00 42.73 16.12
N GLN C 117 18.13 42.15 15.30
CA GLN C 117 18.55 41.46 14.10
C GLN C 117 18.33 42.30 12.84
N LEU C 118 17.71 43.46 13.02
CA LEU C 118 17.40 44.35 11.90
C LEU C 118 18.04 45.72 12.12
N ASN C 119 17.96 46.57 11.09
CA ASN C 119 18.37 47.96 11.24
C ASN C 119 17.15 48.84 11.48
N VAL C 120 16.33 48.42 12.44
CA VAL C 120 15.14 49.16 12.81
C VAL C 120 15.04 49.23 14.33
N SER C 121 14.36 50.26 14.84
CA SER C 121 14.18 50.41 16.28
C SER C 121 13.08 49.50 16.78
N PRO C 122 13.15 49.08 18.06
CA PRO C 122 12.10 48.29 18.69
C PRO C 122 10.73 48.99 18.64
N SER C 123 10.74 50.31 18.79
CA SER C 123 9.51 51.09 18.77
C SER C 123 8.94 51.13 17.36
N GLY C 124 9.83 51.08 16.36
CA GLY C 124 9.43 51.02 14.97
C GLY C 124 8.67 49.74 14.69
N LEU C 125 9.12 48.64 15.29
CA LEU C 125 8.45 47.36 15.14
C LEU C 125 7.10 47.36 15.85
N ARG C 126 7.05 47.97 17.03
CA ARG C 126 5.80 48.03 17.80
C ARG C 126 4.77 48.90 17.09
N SER C 127 5.23 49.98 16.49
CA SER C 127 4.36 50.86 15.71
C SER C 127 3.76 50.12 14.53
N LEU C 128 4.60 49.36 13.84
CA LEU C 128 4.15 48.54 12.71
C LEU C 128 3.09 47.52 13.14
N TYR C 129 3.37 46.80 14.22
CA TYR C 129 2.45 45.80 14.75
C TYR C 129 1.07 46.40 15.04
N LEU C 130 1.05 47.56 15.68
CA LEU C 130 -0.19 48.25 15.99
C LEU C 130 -0.97 48.59 14.72
N GLU C 131 -0.26 49.06 13.71
CA GLU C 131 -0.89 49.39 12.43
C GLU C 131 -1.43 48.16 11.73
N VAL C 132 -0.62 47.10 11.71
CA VAL C 132 -1.00 45.85 11.02
C VAL C 132 -2.21 45.20 11.67
N THR C 133 -2.21 45.11 13.00
CA THR C 133 -3.26 44.42 13.72
C THR C 133 -4.43 45.31 14.10
N GLY C 134 -4.29 46.61 13.85
CA GLY C 134 -5.34 47.56 14.19
C GLY C 134 -6.46 47.61 13.18
N ASP C 135 -6.31 46.87 12.08
CA ASP C 135 -7.31 46.84 11.03
C ASP C 135 -7.16 45.58 10.17
N THR C 136 -8.17 45.28 9.37
CA THR C 136 -8.11 44.17 8.44
C THR C 136 -7.04 44.40 7.38
N HIS C 137 -6.26 43.36 7.08
CA HIS C 137 -5.24 43.45 6.03
C HIS C 137 -5.14 42.13 5.27
N THR C 138 -5.19 42.23 3.95
CA THR C 138 -4.97 41.07 3.09
C THR C 138 -3.49 40.85 2.89
N CYS C 139 -3.12 39.72 2.30
CA CYS C 139 -1.74 39.42 1.97
C CYS C 139 -1.10 40.53 1.13
N ASP C 140 -1.82 40.95 0.09
CA ASP C 140 -1.33 41.99 -0.80
C ASP C 140 -1.12 43.31 -0.08
N GLN C 141 -2.06 43.69 0.78
CA GLN C 141 -1.95 44.92 1.54
C GLN C 141 -0.75 44.88 2.50
N LEU C 142 -0.54 43.71 3.11
CA LEU C 142 0.62 43.51 3.97
C LEU C 142 1.92 43.64 3.18
N LEU C 143 1.93 43.10 1.97
CA LEU C 143 3.11 43.17 1.10
C LEU C 143 3.41 44.61 0.72
N SER C 144 2.40 45.32 0.23
CA SER C 144 2.55 46.72 -0.14
C SER C 144 3.03 47.57 1.02
N MET C 145 2.55 47.25 2.22
CA MET C 145 2.93 47.95 3.43
C MET C 145 4.43 47.80 3.72
N LEU C 146 4.90 46.56 3.67
CA LEU C 146 6.30 46.25 3.96
C LEU C 146 7.25 46.70 2.86
N GLN C 147 6.75 46.75 1.63
CA GLN C 147 7.60 47.01 0.47
C GLN C 147 8.26 48.39 0.49
N ASP C 148 7.57 49.37 1.08
CA ASP C 148 8.10 50.72 1.14
C ASP C 148 9.09 50.89 2.30
N ARG C 149 8.92 50.08 3.34
CA ARG C 149 9.67 50.25 4.58
C ARG C 149 10.90 49.36 4.73
N TYR C 150 10.87 48.17 4.13
CA TYR C 150 11.92 47.19 4.38
C TYR C 150 12.49 46.56 3.12
N THR C 151 13.72 46.08 3.21
CA THR C 151 14.29 45.21 2.18
C THR C 151 13.57 43.87 2.25
N TYR C 152 13.57 43.13 1.14
CA TYR C 152 12.88 41.84 1.08
C TYR C 152 13.46 40.81 2.04
N GLN C 153 14.78 40.82 2.18
CA GLN C 153 15.43 39.86 3.08
C GLN C 153 15.10 40.16 4.54
N ASP C 154 14.83 41.44 4.84
CA ASP C 154 14.40 41.82 6.19
C ASP C 154 12.94 41.49 6.45
N MET C 155 12.15 41.43 5.38
CA MET C 155 10.70 41.20 5.50
C MET C 155 10.38 39.86 6.15
N ALA C 156 11.23 38.87 5.91
CA ALA C 156 11.04 37.55 6.47
C ALA C 156 11.09 37.59 8.00
N ILE C 157 12.12 38.27 8.52
CA ILE C 157 12.27 38.45 9.95
C ILE C 157 11.12 39.28 10.51
N VAL C 158 10.75 40.34 9.80
CA VAL C 158 9.65 41.21 10.21
C VAL C 158 8.34 40.43 10.26
N SER C 159 8.12 39.58 9.27
CA SER C 159 6.91 38.76 9.22
C SER C 159 6.84 37.81 10.41
N SER C 160 7.99 37.28 10.81
CA SER C 160 8.06 36.38 11.96
C SER C 160 7.74 37.14 13.25
N PHE C 161 8.22 38.38 13.34
CA PHE C 161 7.89 39.24 14.47
C PHE C 161 6.39 39.48 14.57
N LEU C 162 5.77 39.73 13.42
CA LEU C 162 4.34 39.97 13.36
C LEU C 162 3.57 38.74 13.84
N MET C 163 4.02 37.57 13.41
CA MET C 163 3.40 36.31 13.81
C MET C 163 3.56 36.07 15.31
N LYS C 164 4.74 36.39 15.84
CA LYS C 164 5.02 36.23 17.26
C LYS C 164 4.13 37.14 18.10
N GLY C 165 3.99 38.39 17.64
CA GLY C 165 3.15 39.35 18.32
C GLY C 165 1.69 38.95 18.34
N MET C 166 1.19 38.47 17.20
CA MET C 166 -0.22 38.10 17.06
C MET C 166 -0.53 36.84 17.86
N ALA C 167 0.43 35.93 17.93
CA ALA C 167 0.29 34.73 18.74
C ALA C 167 0.15 35.10 20.22
N THR C 168 0.89 36.14 20.61
CA THR C 168 0.84 36.64 21.98
C THR C 168 -0.52 37.28 22.26
N GLY C 169 -1.03 38.03 21.28
CA GLY C 169 -2.32 38.68 21.42
C GLY C 169 -3.47 37.70 21.52
N LEU C 170 -3.28 36.51 20.97
CA LEU C 170 -4.30 35.47 21.02
C LEU C 170 -4.40 34.87 22.41
N LYS C 171 -3.25 34.72 23.06
CA LYS C 171 -3.20 34.20 24.43
C LYS C 171 -3.84 35.17 25.40
N ARG C 172 -3.41 36.43 25.34
CA ARG C 172 -3.87 37.45 26.27
C ARG C 172 -5.36 37.75 26.13
N GLN C 173 -5.89 37.56 24.93
CA GLN C 173 -7.30 37.83 24.64
C GLN C 173 -7.74 39.23 25.08
N GLY C 174 -6.98 40.23 24.65
CA GLY C 174 -7.22 41.60 25.07
C GLY C 174 -8.54 42.20 24.64
N PRO C 175 -8.84 43.43 25.08
CA PRO C 175 -10.08 44.14 24.77
C PRO C 175 -10.01 44.98 23.50
N TYR C 176 -8.80 45.24 23.01
CA TYR C 176 -8.59 46.16 21.90
C TYR C 176 -8.85 45.52 20.53
N VAL C 177 -8.27 44.35 20.30
CA VAL C 177 -8.42 43.66 19.01
C VAL C 177 -9.03 42.27 19.19
N PRO C 178 -10.16 42.02 18.54
CA PRO C 178 -10.91 40.76 18.65
C PRO C 178 -10.12 39.55 18.16
N SER C 179 -10.37 38.40 18.76
CA SER C 179 -9.67 37.16 18.42
C SER C 179 -9.78 36.80 16.94
N ALA C 180 -11.00 36.88 16.41
CA ALA C 180 -11.27 36.53 15.02
C ALA C 180 -10.42 37.36 14.06
N GLN C 181 -10.18 38.61 14.43
CA GLN C 181 -9.38 39.52 13.61
C GLN C 181 -7.92 39.05 13.56
N LEU C 182 -7.40 38.65 14.72
CA LEU C 182 -6.04 38.15 14.82
C LEU C 182 -5.86 36.85 14.02
N GLN C 183 -6.87 35.99 14.06
CA GLN C 183 -6.83 34.73 13.33
C GLN C 183 -6.69 34.94 11.83
N VAL C 184 -7.51 35.83 11.28
CA VAL C 184 -7.47 36.16 9.86
C VAL C 184 -6.14 36.83 9.52
N LEU C 185 -5.66 37.67 10.43
CA LEU C 185 -4.40 38.38 10.25
C LEU C 185 -3.22 37.42 10.14
N MET C 186 -3.22 36.38 10.97
CA MET C 186 -2.15 35.39 10.97
C MET C 186 -2.17 34.58 9.68
N THR C 187 -3.36 34.23 9.21
CA THR C 187 -3.50 33.49 7.96
C THR C 187 -2.94 34.30 6.79
N GLU C 188 -3.29 35.58 6.74
CA GLU C 188 -2.82 36.48 5.70
C GLU C 188 -1.31 36.67 5.78
N THR C 189 -0.78 36.72 6.99
CA THR C 189 0.65 36.90 7.19
C THR C 189 1.40 35.63 6.80
N ARG C 190 0.78 34.48 7.03
CA ARG C 190 1.34 33.21 6.57
C ARG C 190 1.39 33.19 5.04
N ASN C 191 0.35 33.73 4.42
CA ASN C 191 0.32 33.87 2.96
C ASN C 191 1.41 34.81 2.47
N LEU C 192 1.66 35.87 3.26
CA LEU C 192 2.73 36.81 2.96
C LEU C 192 4.09 36.14 2.95
N GLN C 193 4.35 35.31 3.97
CA GLN C 193 5.61 34.61 4.09
C GLN C 193 5.84 33.66 2.91
N ALA C 194 4.75 33.09 2.39
CA ALA C 194 4.81 32.23 1.23
C ALA C 194 5.18 33.04 -0.01
N VAL C 195 4.55 34.20 -0.15
CA VAL C 195 4.85 35.13 -1.24
C VAL C 195 6.31 35.57 -1.22
N LEU C 196 6.84 35.82 -0.03
CA LEU C 196 8.22 36.24 0.14
C LEU C 196 9.24 35.23 -0.37
N THR C 197 8.89 33.94 -0.31
CA THR C 197 9.79 32.89 -0.78
C THR C 197 10.08 33.03 -2.26
N SER C 198 9.09 33.50 -3.02
CA SER C 198 9.26 33.73 -4.45
C SER C 198 10.26 34.86 -4.69
N TYR C 199 10.05 35.98 -4.01
CA TYR C 199 10.97 37.12 -4.10
C TYR C 199 12.38 36.71 -3.73
N ASP C 200 12.50 35.90 -2.68
CA ASP C 200 13.80 35.41 -2.24
C ASP C 200 14.44 34.53 -3.31
N TYR C 201 13.63 33.66 -3.92
CA TYR C 201 14.11 32.76 -4.97
C TYR C 201 14.58 33.54 -6.19
N PHE C 202 13.73 34.45 -6.67
CA PHE C 202 14.04 35.20 -7.88
C PHE C 202 15.18 36.20 -7.68
N GLU C 203 15.30 36.78 -6.49
CA GLU C 203 16.37 37.74 -6.21
C GLU C 203 17.73 37.11 -6.46
N SER C 204 17.84 35.82 -6.15
CA SER C 204 19.08 35.08 -6.38
C SER C 204 19.24 34.65 -7.83
N ARG C 205 18.18 34.08 -8.41
CA ARG C 205 18.26 33.42 -9.71
C ARG C 205 18.20 34.37 -10.91
N VAL C 206 17.39 35.43 -10.81
CA VAL C 206 17.22 36.36 -11.93
C VAL C 206 18.52 37.02 -12.40
N PRO C 207 19.38 37.51 -11.47
CA PRO C 207 20.66 38.04 -11.97
C PRO C 207 21.51 37.01 -12.69
N ILE C 208 21.35 35.74 -12.35
CA ILE C 208 22.08 34.67 -13.03
C ILE C 208 21.55 34.51 -14.46
N LEU C 209 20.24 34.60 -14.63
CA LEU C 209 19.62 34.54 -15.95
C LEU C 209 20.03 35.73 -16.81
N LEU C 210 20.04 36.92 -16.21
CA LEU C 210 20.38 38.14 -16.94
C LEU C 210 21.83 38.14 -17.41
N ASP C 211 22.73 37.68 -16.55
CA ASP C 211 24.14 37.58 -16.90
C ASP C 211 24.36 36.57 -18.03
N SER C 212 23.61 35.47 -17.99
CA SER C 212 23.70 34.44 -19.02
C SER C 212 23.26 34.99 -20.37
N LEU C 213 22.14 35.69 -20.39
CA LEU C 213 21.62 36.28 -21.62
C LEU C 213 22.54 37.36 -22.16
N LYS C 214 23.13 38.14 -21.26
CA LYS C 214 24.07 39.19 -21.64
C LYS C 214 25.33 38.58 -22.25
N ALA C 215 25.75 37.45 -21.69
CA ALA C 215 26.96 36.77 -22.13
C ALA C 215 26.90 36.32 -23.60
N GLU C 216 25.70 36.13 -24.12
CA GLU C 216 25.54 35.76 -25.53
C GLU C 216 25.00 36.93 -26.35
N GLY C 217 25.16 38.14 -25.82
CA GLY C 217 24.82 39.35 -26.57
C GLY C 217 23.34 39.63 -26.70
N ILE C 218 22.53 39.00 -25.85
CA ILE C 218 21.09 39.24 -25.88
C ILE C 218 20.70 40.35 -24.93
N GLN C 219 20.09 41.41 -25.49
CA GLN C 219 19.66 42.55 -24.68
C GLN C 219 18.31 42.28 -24.02
N THR C 220 18.21 42.63 -22.75
CA THR C 220 16.99 42.48 -21.98
C THR C 220 16.41 43.84 -21.63
N PRO C 221 15.10 43.92 -21.36
CA PRO C 221 14.48 45.21 -21.01
C PRO C 221 15.12 45.83 -19.77
N SER C 222 15.30 47.14 -19.79
CA SER C 222 16.01 47.83 -18.72
C SER C 222 15.24 47.83 -17.40
N ASP C 223 13.92 47.74 -17.46
CA ASP C 223 13.10 47.75 -16.26
C ASP C 223 12.94 46.36 -15.63
N LEU C 224 13.74 45.40 -16.10
CA LEU C 224 13.57 44.02 -15.64
C LEU C 224 14.46 43.69 -14.45
N ASN C 225 13.81 43.27 -13.37
CA ASN C 225 14.48 42.86 -12.14
C ASN C 225 13.68 41.78 -11.44
N PHE C 226 14.20 41.25 -10.34
CA PHE C 226 13.57 40.13 -9.66
C PHE C 226 12.18 40.47 -9.11
N VAL C 227 11.93 41.75 -8.86
CA VAL C 227 10.62 42.19 -8.39
C VAL C 227 9.57 42.04 -9.49
N LYS C 228 9.93 42.46 -10.71
CA LYS C 228 9.05 42.32 -11.87
C LYS C 228 8.75 40.86 -12.15
N VAL C 229 9.79 40.03 -12.10
CA VAL C 229 9.66 38.59 -12.36
C VAL C 229 8.77 37.92 -11.31
N ALA C 230 8.95 38.29 -10.05
CA ALA C 230 8.16 37.73 -8.96
C ALA C 230 6.69 38.10 -9.10
N GLU C 231 6.42 39.31 -9.55
CA GLU C 231 5.05 39.77 -9.73
C GLU C 231 4.35 39.04 -10.88
N SER C 232 5.10 38.73 -11.93
CA SER C 232 4.56 37.98 -13.06
C SER C 232 4.27 36.54 -12.63
N TYR C 233 5.19 35.97 -11.87
CA TYR C 233 5.05 34.63 -11.34
C TYR C 233 3.75 34.48 -10.54
N HIS C 234 3.49 35.44 -9.66
CA HIS C 234 2.28 35.43 -8.83
C HIS C 234 1.03 35.73 -9.66
N LYS C 235 1.19 36.57 -10.66
CA LYS C 235 0.11 36.90 -11.58
C LYS C 235 -0.33 35.65 -12.33
N ILE C 236 0.64 34.83 -12.73
CA ILE C 236 0.36 33.59 -13.42
C ILE C 236 -0.26 32.56 -12.46
N ILE C 237 0.29 32.49 -11.26
CA ILE C 237 -0.21 31.57 -10.23
C ILE C 237 -1.66 31.89 -9.85
N ASN C 238 -1.99 33.18 -9.78
CA ASN C 238 -3.33 33.58 -9.37
C ASN C 238 -4.35 33.44 -10.50
N ASP C 239 -3.91 32.95 -11.65
CA ASP C 239 -4.83 32.57 -12.71
C ASP C 239 -5.17 31.10 -12.49
N LYS C 240 -6.40 30.84 -12.05
CA LYS C 240 -6.81 29.50 -11.66
C LYS C 240 -7.08 28.59 -12.85
N PHE C 241 -7.07 29.15 -14.06
CA PHE C 241 -7.25 28.35 -15.26
C PHE C 241 -6.15 28.63 -16.27
N PRO C 242 -4.93 28.15 -15.98
CA PRO C 242 -3.76 28.42 -16.83
C PRO C 242 -3.81 27.73 -18.19
N THR C 243 -3.38 28.45 -19.22
CA THR C 243 -3.18 27.87 -20.55
C THR C 243 -1.77 28.18 -21.03
N ALA C 244 -1.28 27.40 -21.98
CA ALA C 244 0.05 27.63 -22.54
C ALA C 244 0.15 29.00 -23.19
N SER C 245 -0.92 29.40 -23.86
CA SER C 245 -0.98 30.71 -24.52
C SER C 245 -0.85 31.86 -23.53
N LYS C 246 -1.63 31.80 -22.44
CA LYS C 246 -1.62 32.87 -21.44
C LYS C 246 -0.28 32.95 -20.72
N VAL C 247 0.31 31.80 -20.43
CA VAL C 247 1.60 31.76 -19.76
C VAL C 247 2.68 32.35 -20.66
N GLU C 248 2.66 31.99 -21.94
CA GLU C 248 3.64 32.50 -22.90
C GLU C 248 3.50 34.01 -23.09
N ARG C 249 2.27 34.49 -23.19
CA ARG C 249 2.02 35.91 -23.39
C ARG C 249 2.52 36.73 -22.20
N GLU C 250 2.32 36.23 -20.99
CA GLU C 250 2.76 36.91 -19.78
C GLU C 250 4.28 37.03 -19.74
N VAL C 251 4.97 35.96 -20.13
CA VAL C 251 6.42 35.96 -20.16
C VAL C 251 6.94 36.92 -21.23
N ARG C 252 6.28 36.94 -22.38
CA ARG C 252 6.64 37.86 -23.46
C ARG C 252 6.43 39.31 -23.07
N ASN C 253 5.35 39.57 -22.34
CA ASN C 253 5.11 40.90 -21.80
C ASN C 253 6.17 41.28 -20.78
N LEU C 254 6.77 40.26 -20.16
CA LEU C 254 7.76 40.45 -19.11
C LEU C 254 9.16 40.77 -19.64
N ILE C 255 9.62 39.99 -20.62
CA ILE C 255 11.02 40.06 -21.05
C ILE C 255 11.19 40.31 -22.55
N GLY C 256 10.08 40.37 -23.28
CA GLY C 256 10.15 40.60 -24.71
C GLY C 256 10.04 39.33 -25.53
N ASP C 257 10.41 39.42 -26.82
CA ASP C 257 10.13 38.35 -27.77
C ASP C 257 11.32 37.47 -28.13
N ASP C 258 12.49 37.75 -27.55
CA ASP C 258 13.67 36.92 -27.81
C ASP C 258 13.43 35.51 -27.28
N VAL C 259 13.65 34.51 -28.14
CA VAL C 259 13.32 33.13 -27.81
C VAL C 259 14.11 32.58 -26.63
N ASP C 260 15.39 32.92 -26.54
CA ASP C 260 16.22 32.47 -25.43
C ASP C 260 15.81 33.14 -24.13
N SER C 261 15.35 34.38 -24.24
CA SER C 261 14.89 35.13 -23.07
C SER C 261 13.61 34.52 -22.52
N VAL C 262 12.65 34.28 -23.42
CA VAL C 262 11.36 33.69 -23.05
C VAL C 262 11.56 32.31 -22.45
N THR C 263 12.36 31.48 -23.13
CA THR C 263 12.69 30.15 -22.65
C THR C 263 13.34 30.19 -21.26
N GLY C 264 14.26 31.14 -21.07
CA GLY C 264 14.95 31.28 -19.80
C GLY C 264 14.02 31.57 -18.65
N VAL C 265 13.06 32.46 -18.87
CA VAL C 265 12.08 32.82 -17.85
C VAL C 265 11.15 31.64 -17.56
N LEU C 266 10.72 30.96 -18.62
CA LEU C 266 9.84 29.81 -18.49
C LEU C 266 10.50 28.69 -17.66
N ASN C 267 11.77 28.42 -17.94
CA ASN C 267 12.52 27.45 -17.17
C ASN C 267 12.67 27.89 -15.71
N LEU C 268 12.83 29.21 -15.51
CA LEU C 268 12.94 29.77 -14.18
C LEU C 268 11.63 29.61 -13.41
N PHE C 269 10.52 29.89 -14.08
CA PHE C 269 9.20 29.72 -13.50
C PHE C 269 8.94 28.26 -13.13
N PHE C 270 9.33 27.35 -14.00
CA PHE C 270 9.12 25.92 -13.77
C PHE C 270 9.94 25.45 -12.57
N SER C 271 11.18 25.90 -12.49
CA SER C 271 12.06 25.57 -11.37
C SER C 271 11.51 26.13 -10.07
N ALA C 272 10.82 27.27 -10.16
CA ALA C 272 10.25 27.93 -8.99
C ALA C 272 9.16 27.09 -8.34
N LEU C 273 8.55 26.20 -9.12
CA LEU C 273 7.46 25.37 -8.64
C LEU C 273 7.92 24.36 -7.58
N ARG C 274 9.22 24.07 -7.56
CA ARG C 274 9.77 23.18 -6.56
C ARG C 274 10.65 23.92 -5.55
N GLN C 275 10.79 25.23 -5.73
CA GLN C 275 11.67 26.02 -4.87
C GLN C 275 10.91 27.03 -4.03
N THR C 276 9.65 27.28 -4.38
CA THR C 276 8.83 28.24 -3.64
C THR C 276 7.81 27.51 -2.76
N SER C 277 7.21 28.25 -1.85
CA SER C 277 6.32 27.70 -0.83
C SER C 277 5.10 26.98 -1.41
N SER C 278 4.79 25.83 -0.81
CA SER C 278 3.63 25.04 -1.21
C SER C 278 2.33 25.79 -0.96
N ARG C 279 2.37 26.71 0.00
CA ARG C 279 1.21 27.49 0.39
C ARG C 279 0.74 28.43 -0.72
N LEU C 280 1.63 28.71 -1.67
CA LEU C 280 1.30 29.56 -2.82
C LEU C 280 0.16 29.01 -3.66
N PHE C 281 -0.03 27.69 -3.62
CA PHE C 281 -1.04 27.03 -4.45
C PHE C 281 -2.21 26.53 -3.62
N SER C 282 -3.41 26.97 -3.96
CA SER C 282 -4.62 26.61 -3.21
C SER C 282 -5.11 25.21 -3.52
N SER C 283 -4.58 24.60 -4.58
CA SER C 283 -4.93 23.23 -4.92
C SER C 283 -3.81 22.53 -5.68
N ALA C 284 -3.64 21.23 -5.42
CA ALA C 284 -2.64 20.43 -6.12
C ALA C 284 -2.92 20.36 -7.61
N ASP C 285 -4.21 20.37 -7.96
CA ASP C 285 -4.63 20.30 -9.35
C ASP C 285 -4.12 21.50 -10.15
N LYS C 286 -4.23 22.68 -9.55
CA LYS C 286 -3.85 23.92 -10.22
C LYS C 286 -2.34 24.04 -10.36
N ARG C 287 -1.60 23.65 -9.32
CA ARG C 287 -0.15 23.58 -9.38
C ARG C 287 0.32 22.65 -10.49
N GLN C 288 -0.26 21.45 -10.54
CA GLN C 288 0.05 20.46 -11.56
C GLN C 288 -0.27 20.99 -12.96
N GLN C 289 -1.44 21.61 -13.09
CA GLN C 289 -1.86 22.18 -14.37
C GLN C 289 -0.94 23.31 -14.82
N LEU C 290 -0.44 24.09 -13.87
CA LEU C 290 0.48 25.18 -14.20
C LEU C 290 1.81 24.63 -14.68
N GLY C 291 2.28 23.57 -14.03
CA GLY C 291 3.48 22.88 -14.46
C GLY C 291 3.37 22.39 -15.88
N ALA C 292 2.23 21.79 -16.19
CA ALA C 292 1.95 21.29 -17.54
C ALA C 292 1.98 22.41 -18.58
N MET C 293 1.33 23.52 -18.26
CA MET C 293 1.20 24.64 -19.21
C MET C 293 2.53 25.34 -19.46
N ILE C 294 3.37 25.43 -18.43
CA ILE C 294 4.71 25.99 -18.60
C ILE C 294 5.52 25.07 -19.51
N ALA C 295 5.40 23.77 -19.30
CA ALA C 295 6.05 22.78 -20.14
C ALA C 295 5.58 22.90 -21.59
N ASN C 296 4.28 23.11 -21.77
CA ASN C 296 3.71 23.28 -23.10
C ASN C 296 4.18 24.58 -23.78
N ALA C 297 4.30 25.64 -22.99
CA ALA C 297 4.75 26.93 -23.52
C ALA C 297 6.18 26.82 -24.02
N LEU C 298 7.01 26.10 -23.29
CA LEU C 298 8.39 25.84 -23.69
C LEU C 298 8.44 25.12 -25.04
N ASP C 299 7.56 24.14 -25.23
CA ASP C 299 7.51 23.39 -26.47
C ASP C 299 7.06 24.28 -27.62
N ALA C 300 6.02 25.07 -27.39
CA ALA C 300 5.50 25.98 -28.39
C ALA C 300 6.53 27.03 -28.83
N VAL C 301 7.28 27.55 -27.87
CA VAL C 301 8.25 28.61 -28.14
C VAL C 301 9.45 28.09 -28.93
N ASN C 302 9.93 26.91 -28.57
CA ASN C 302 11.12 26.35 -29.20
C ASN C 302 10.79 25.56 -30.46
N MET D 7 -12.23 -27.11 -26.22
CA MET D 7 -11.83 -27.58 -24.90
C MET D 7 -12.76 -28.67 -24.39
N SER D 8 -12.17 -29.77 -23.94
CA SER D 8 -12.94 -30.89 -23.39
C SER D 8 -13.63 -30.46 -22.09
N HIS D 9 -14.77 -31.09 -21.80
CA HIS D 9 -15.55 -30.76 -20.61
C HIS D 9 -14.77 -31.07 -19.34
N LEU D 10 -13.91 -32.08 -19.41
CA LEU D 10 -13.07 -32.45 -18.28
C LEU D 10 -12.15 -31.31 -17.88
N ASN D 11 -11.49 -30.72 -18.88
CA ASN D 11 -10.60 -29.59 -18.65
C ASN D 11 -11.35 -28.38 -18.15
N TYR D 12 -12.57 -28.20 -18.64
CA TYR D 12 -13.46 -27.14 -18.17
C TYR D 12 -13.73 -27.28 -16.68
N LEU D 13 -14.03 -28.50 -16.25
CA LEU D 13 -14.34 -28.77 -14.85
C LEU D 13 -13.13 -28.54 -13.95
N LEU D 14 -11.98 -29.06 -14.35
CA LEU D 14 -10.74 -28.93 -13.58
C LEU D 14 -10.35 -27.47 -13.39
N GLU D 15 -10.44 -26.68 -14.46
CA GLU D 15 -10.13 -25.26 -14.39
C GLU D 15 -11.13 -24.52 -13.53
N LYS D 16 -12.40 -24.90 -13.67
CA LYS D 16 -13.48 -24.34 -12.86
C LYS D 16 -13.23 -24.57 -11.37
N ILE D 17 -12.86 -25.80 -11.02
CA ILE D 17 -12.56 -26.16 -9.64
C ILE D 17 -11.30 -25.46 -9.13
N ALA D 18 -10.24 -25.49 -9.93
CA ALA D 18 -8.97 -24.89 -9.57
C ALA D 18 -9.11 -23.39 -9.31
N ALA D 19 -9.87 -22.72 -10.18
CA ALA D 19 -10.08 -21.28 -10.07
C ALA D 19 -10.72 -20.92 -8.72
N SER D 20 -11.74 -21.66 -8.32
CA SER D 20 -12.50 -21.32 -7.12
C SER D 20 -11.80 -21.77 -5.83
N SER D 21 -10.59 -22.31 -5.96
CA SER D 21 -9.79 -22.67 -4.80
C SER D 21 -8.65 -21.68 -4.60
N LYS D 22 -7.95 -21.78 -3.48
CA LYS D 22 -6.79 -20.95 -3.22
C LYS D 22 -5.53 -21.69 -3.68
N GLU D 23 -5.73 -22.74 -4.47
CA GLU D 23 -4.63 -23.57 -4.93
C GLU D 23 -4.50 -23.51 -6.45
N ASP D 24 -3.26 -23.55 -6.92
CA ASP D 24 -2.99 -23.63 -8.35
C ASP D 24 -3.56 -24.90 -8.94
N PHE D 25 -3.37 -26.00 -8.23
CA PHE D 25 -3.79 -27.33 -8.69
C PHE D 25 -4.20 -28.19 -7.50
N PRO D 26 -5.48 -28.13 -7.13
CA PRO D 26 -5.98 -28.77 -5.90
C PRO D 26 -6.28 -30.25 -6.09
N PHE D 27 -5.37 -30.97 -6.73
CA PHE D 27 -5.54 -32.39 -7.02
C PHE D 27 -4.21 -33.13 -6.83
N PRO D 28 -4.27 -34.46 -6.65
CA PRO D 28 -3.04 -35.24 -6.65
C PRO D 28 -2.34 -35.17 -8.01
N ASP D 29 -1.00 -35.19 -8.01
CA ASP D 29 -0.25 -35.14 -9.25
C ASP D 29 -0.35 -36.44 -10.03
N ASP D 30 -0.43 -37.55 -9.30
CA ASP D 30 -0.33 -38.87 -9.90
C ASP D 30 -1.52 -39.73 -9.50
N LEU D 31 -2.58 -39.68 -10.32
CA LEU D 31 -3.80 -40.41 -10.03
C LEU D 31 -3.59 -41.94 -10.10
N GLU D 32 -2.61 -42.37 -10.87
CA GLU D 32 -2.28 -43.79 -10.94
C GLU D 32 -1.81 -44.31 -9.58
N SER D 33 -0.90 -43.57 -8.96
CA SER D 33 -0.38 -43.92 -7.65
C SER D 33 -1.44 -43.73 -6.58
N TYR D 34 -2.26 -42.70 -6.76
CA TYR D 34 -3.31 -42.35 -5.82
C TYR D 34 -4.40 -43.42 -5.74
N LEU D 35 -4.63 -44.10 -6.86
CA LEU D 35 -5.71 -45.09 -6.95
C LEU D 35 -5.25 -46.53 -6.73
N GLU D 36 -3.93 -46.73 -6.60
CA GLU D 36 -3.38 -48.07 -6.43
C GLU D 36 -3.88 -48.75 -5.16
N GLY D 37 -4.39 -49.97 -5.32
CA GLY D 37 -4.85 -50.77 -4.19
C GLY D 37 -6.13 -50.25 -3.57
N TYR D 38 -6.78 -49.31 -4.25
CA TYR D 38 -7.99 -48.68 -3.75
C TYR D 38 -9.23 -49.52 -4.04
N VAL D 39 -9.94 -49.90 -2.98
CA VAL D 39 -11.24 -50.53 -3.11
C VAL D 39 -12.29 -49.70 -2.38
N PRO D 40 -13.12 -48.98 -3.14
CA PRO D 40 -14.12 -48.06 -2.57
C PRO D 40 -15.09 -48.79 -1.64
N ASP D 41 -15.23 -48.26 -0.42
CA ASP D 41 -16.09 -48.87 0.58
C ASP D 41 -17.35 -48.03 0.74
N LYS D 42 -18.47 -48.55 0.24
CA LYS D 42 -19.74 -47.84 0.24
C LYS D 42 -20.28 -47.56 1.64
N ASN D 43 -19.69 -48.20 2.65
CA ASN D 43 -20.18 -48.05 4.01
C ASN D 43 -19.39 -47.04 4.83
N ILE D 44 -18.39 -46.41 4.20
CA ILE D 44 -17.68 -45.30 4.82
C ILE D 44 -18.42 -44.01 4.51
N ALA D 45 -18.85 -43.31 5.56
CA ALA D 45 -19.70 -42.13 5.39
C ALA D 45 -18.89 -40.92 4.97
N LEU D 46 -18.26 -41.00 3.80
CA LEU D 46 -17.47 -39.90 3.26
C LEU D 46 -18.05 -39.39 1.96
N ASP D 47 -18.15 -38.07 1.82
CA ASP D 47 -18.57 -37.46 0.57
C ASP D 47 -17.56 -37.71 -0.53
N THR D 48 -18.05 -38.01 -1.73
CA THR D 48 -17.18 -38.12 -2.90
C THR D 48 -16.72 -36.73 -3.30
N TYR D 49 -15.67 -36.66 -4.12
CA TYR D 49 -15.17 -35.37 -4.59
C TYR D 49 -16.11 -34.75 -5.62
N GLN D 50 -16.92 -35.59 -6.28
CA GLN D 50 -17.99 -35.08 -7.12
C GLN D 50 -18.94 -34.24 -6.28
N LYS D 51 -19.29 -34.78 -5.11
CA LYS D 51 -20.16 -34.10 -4.17
C LYS D 51 -19.51 -32.82 -3.64
N ILE D 52 -18.28 -32.96 -3.16
CA ILE D 52 -17.51 -31.83 -2.62
C ILE D 52 -17.34 -30.69 -3.61
N PHE D 53 -17.04 -31.02 -4.87
CA PHE D 53 -16.79 -30.00 -5.88
C PHE D 53 -18.07 -29.59 -6.60
N LYS D 54 -19.20 -30.11 -6.13
CA LYS D 54 -20.51 -29.77 -6.66
C LYS D 54 -20.62 -30.06 -8.16
N ILE D 55 -20.13 -31.21 -8.57
CA ILE D 55 -20.18 -31.62 -9.97
C ILE D 55 -21.45 -32.43 -10.23
N SER D 56 -22.24 -32.02 -11.21
CA SER D 56 -23.47 -32.72 -11.55
C SER D 56 -23.15 -34.04 -12.22
N SER D 57 -24.07 -35.00 -12.11
CA SER D 57 -23.89 -36.31 -12.74
C SER D 57 -23.92 -36.19 -14.25
N GLU D 58 -24.60 -35.16 -14.75
CA GLU D 58 -24.63 -34.87 -16.18
C GLU D 58 -23.25 -34.46 -16.66
N ASP D 59 -22.54 -33.70 -15.82
CA ASP D 59 -21.17 -33.28 -16.13
C ASP D 59 -20.23 -34.47 -16.25
N LEU D 60 -20.35 -35.41 -15.32
CA LEU D 60 -19.51 -36.60 -15.33
C LEU D 60 -19.81 -37.48 -16.55
N GLU D 61 -21.08 -37.52 -16.94
CA GLU D 61 -21.50 -38.29 -18.10
C GLU D 61 -20.85 -37.75 -19.38
N LYS D 62 -20.80 -36.43 -19.50
CA LYS D 62 -20.14 -35.79 -20.63
C LYS D 62 -18.68 -36.20 -20.70
N VAL D 63 -18.04 -36.22 -19.54
CA VAL D 63 -16.64 -36.62 -19.44
C VAL D 63 -16.48 -38.10 -19.77
N TYR D 64 -17.44 -38.91 -19.35
CA TYR D 64 -17.41 -40.34 -19.63
C TYR D 64 -17.43 -40.61 -21.14
N LYS D 65 -18.28 -39.89 -21.85
CA LYS D 65 -18.37 -40.03 -23.31
C LYS D 65 -17.04 -39.63 -23.97
N GLU D 66 -16.40 -38.59 -23.44
CA GLU D 66 -15.11 -38.15 -23.95
C GLU D 66 -14.07 -39.26 -23.83
N GLY D 67 -14.06 -39.93 -22.69
CA GLY D 67 -13.15 -41.03 -22.45
C GLY D 67 -13.53 -42.23 -23.30
N TYR D 68 -14.83 -42.43 -23.46
CA TYR D 68 -15.36 -43.53 -24.25
C TYR D 68 -15.05 -43.33 -25.73
N HIS D 69 -15.20 -42.10 -26.20
CA HIS D 69 -14.84 -41.74 -27.58
C HIS D 69 -13.37 -42.00 -27.87
N ALA D 70 -12.50 -41.61 -26.93
CA ALA D 70 -11.07 -41.82 -27.07
C ALA D 70 -10.74 -43.30 -27.14
N TYR D 71 -11.45 -44.09 -26.33
CA TYR D 71 -11.28 -45.54 -26.33
C TYR D 71 -11.61 -46.15 -27.68
N LEU D 72 -12.70 -45.70 -28.29
CA LEU D 72 -13.13 -46.18 -29.59
C LEU D 72 -12.16 -45.77 -30.71
N ASP D 73 -11.40 -44.71 -30.47
CA ASP D 73 -10.41 -44.25 -31.44
C ASP D 73 -9.06 -44.91 -31.21
N LYS D 74 -9.05 -45.92 -30.35
CA LYS D 74 -7.85 -46.67 -29.99
C LYS D 74 -6.80 -45.80 -29.31
N ASP D 75 -7.23 -44.64 -28.82
CA ASP D 75 -6.36 -43.79 -28.01
C ASP D 75 -6.54 -44.17 -26.55
N TYR D 76 -5.91 -45.27 -26.16
CA TYR D 76 -6.09 -45.84 -24.83
C TYR D 76 -5.45 -44.98 -23.76
N ALA D 77 -4.31 -44.37 -24.08
CA ALA D 77 -3.61 -43.49 -23.16
C ALA D 77 -4.49 -42.33 -22.72
N LYS D 78 -5.21 -41.73 -23.67
CA LYS D 78 -6.10 -40.62 -23.37
C LYS D 78 -7.31 -41.07 -22.57
N SER D 79 -7.84 -42.25 -22.91
CA SER D 79 -9.00 -42.78 -22.20
C SER D 79 -8.66 -43.11 -20.75
N ILE D 80 -7.47 -43.67 -20.53
CA ILE D 80 -7.01 -44.01 -19.18
C ILE D 80 -6.93 -42.77 -18.31
N THR D 81 -6.37 -41.70 -18.86
CA THR D 81 -6.30 -40.41 -18.18
C THR D 81 -7.68 -39.94 -17.71
N VAL D 82 -8.65 -40.00 -18.63
CA VAL D 82 -10.00 -39.53 -18.36
C VAL D 82 -10.73 -40.37 -17.30
N PHE D 83 -10.67 -41.68 -17.44
CA PHE D 83 -11.39 -42.58 -16.53
C PHE D 83 -10.85 -42.52 -15.10
N ARG D 84 -9.54 -42.32 -14.96
CA ARG D 84 -8.95 -42.15 -13.63
C ARG D 84 -9.51 -40.90 -12.94
N TRP D 85 -9.68 -39.82 -13.69
CA TRP D 85 -10.29 -38.61 -13.16
C TRP D 85 -11.73 -38.86 -12.72
N LEU D 86 -12.47 -39.59 -13.54
CA LEU D 86 -13.86 -39.94 -13.24
C LEU D 86 -13.94 -40.77 -11.97
N VAL D 87 -13.03 -41.73 -11.85
CA VAL D 87 -12.96 -42.59 -10.67
C VAL D 87 -12.57 -41.77 -9.44
N PHE D 88 -11.72 -40.78 -9.66
CA PHE D 88 -11.32 -39.87 -8.58
C PHE D 88 -12.52 -39.08 -8.06
N PHE D 89 -13.38 -38.63 -8.97
CA PHE D 89 -14.55 -37.84 -8.61
C PHE D 89 -15.65 -38.70 -8.00
N ASN D 90 -15.90 -39.86 -8.58
CA ASN D 90 -16.93 -40.77 -8.06
C ASN D 90 -16.53 -42.23 -8.31
N PRO D 91 -15.85 -42.84 -7.33
CA PRO D 91 -15.33 -44.21 -7.46
C PRO D 91 -16.40 -45.28 -7.25
N PHE D 92 -17.65 -44.87 -7.09
CA PHE D 92 -18.73 -45.83 -6.87
C PHE D 92 -19.54 -46.10 -8.13
N VAL D 93 -19.12 -45.50 -9.24
CA VAL D 93 -19.75 -45.77 -10.52
C VAL D 93 -19.00 -46.89 -11.22
N SER D 94 -19.64 -48.05 -11.32
CA SER D 94 -18.97 -49.27 -11.77
C SER D 94 -18.47 -49.21 -13.21
N LYS D 95 -19.19 -48.50 -14.07
CA LYS D 95 -18.80 -48.40 -15.48
C LYS D 95 -17.55 -47.55 -15.66
N PHE D 96 -17.24 -46.70 -14.69
CA PHE D 96 -16.00 -45.92 -14.72
C PHE D 96 -14.81 -46.85 -14.56
N TRP D 97 -14.88 -47.71 -13.55
CA TRP D 97 -13.84 -48.70 -13.29
C TRP D 97 -13.73 -49.71 -14.43
N PHE D 98 -14.87 -50.10 -15.00
CA PHE D 98 -14.90 -51.12 -16.04
C PHE D 98 -14.23 -50.60 -17.30
N SER D 99 -14.57 -49.39 -17.68
CA SER D 99 -13.96 -48.76 -18.86
C SER D 99 -12.48 -48.47 -18.63
N LEU D 100 -12.13 -48.17 -17.38
CA LEU D 100 -10.73 -47.97 -17.01
C LEU D 100 -9.98 -49.29 -17.15
N GLY D 101 -10.61 -50.37 -16.69
CA GLY D 101 -10.03 -51.70 -16.79
C GLY D 101 -9.82 -52.14 -18.22
N ALA D 102 -10.82 -51.90 -19.06
CA ALA D 102 -10.75 -52.25 -20.47
C ALA D 102 -9.64 -51.49 -21.19
N SER D 103 -9.49 -50.21 -20.85
CA SER D 103 -8.45 -49.38 -21.46
C SER D 103 -7.07 -49.85 -21.07
N LEU D 104 -6.88 -50.18 -19.79
CA LEU D 104 -5.63 -50.74 -19.30
C LEU D 104 -5.37 -52.10 -19.93
N HIS D 105 -6.43 -52.88 -20.10
CA HIS D 105 -6.36 -54.18 -20.74
C HIS D 105 -5.81 -54.06 -22.16
N MET D 106 -6.39 -53.14 -22.94
CA MET D 106 -5.96 -52.91 -24.31
C MET D 106 -4.54 -52.34 -24.35
N SER D 107 -4.13 -51.69 -23.26
CA SER D 107 -2.79 -51.12 -23.17
C SER D 107 -1.79 -52.14 -22.64
N GLU D 108 -2.27 -53.35 -22.37
CA GLU D 108 -1.46 -54.45 -21.84
C GLU D 108 -0.89 -54.11 -20.46
N GLN D 109 -1.59 -53.24 -19.73
CA GLN D 109 -1.26 -52.98 -18.33
C GLN D 109 -2.16 -53.83 -17.47
N TYR D 110 -1.87 -55.13 -17.45
CA TYR D 110 -2.77 -56.13 -16.88
C TYR D 110 -2.89 -56.05 -15.36
N SER D 111 -1.78 -55.83 -14.68
CA SER D 111 -1.77 -55.73 -13.22
C SER D 111 -2.77 -54.69 -12.72
N GLN D 112 -2.78 -53.53 -13.36
CA GLN D 112 -3.70 -52.46 -12.99
C GLN D 112 -5.09 -52.69 -13.57
N ALA D 113 -5.14 -53.36 -14.73
CA ALA D 113 -6.41 -53.73 -15.34
C ALA D 113 -7.17 -54.69 -14.44
N LEU D 114 -6.43 -55.62 -13.83
CA LEU D 114 -7.00 -56.58 -12.90
C LEU D 114 -7.66 -55.90 -11.71
N HIS D 115 -6.96 -54.91 -11.15
CA HIS D 115 -7.47 -54.16 -10.01
C HIS D 115 -8.79 -53.45 -10.34
N ALA D 116 -8.85 -52.82 -11.51
CA ALA D 116 -10.04 -52.10 -11.94
C ALA D 116 -11.22 -53.05 -12.15
N TYR D 117 -10.94 -54.20 -12.75
CA TYR D 117 -11.95 -55.25 -12.93
C TYR D 117 -12.46 -55.75 -11.58
N GLY D 118 -11.54 -55.91 -10.63
CA GLY D 118 -11.88 -56.39 -9.30
C GLY D 118 -12.80 -55.43 -8.55
N VAL D 119 -12.54 -54.14 -8.70
CA VAL D 119 -13.39 -53.12 -8.09
C VAL D 119 -14.78 -53.12 -8.73
N THR D 120 -14.81 -53.26 -10.05
CA THR D 120 -16.06 -53.34 -10.80
C THR D 120 -16.93 -54.47 -10.26
N ALA D 121 -16.30 -55.60 -9.97
CA ALA D 121 -16.98 -56.77 -9.43
C ALA D 121 -17.62 -56.43 -8.07
N VAL D 122 -16.85 -55.81 -7.20
CA VAL D 122 -17.33 -55.41 -5.88
C VAL D 122 -18.54 -54.48 -5.99
N LEU D 123 -18.45 -53.51 -6.89
CA LEU D 123 -19.52 -52.53 -7.07
C LEU D 123 -20.72 -53.11 -7.79
N ARG D 124 -20.50 -54.21 -8.50
CA ARG D 124 -21.51 -54.79 -9.39
C ARG D 124 -21.49 -56.31 -9.28
N ASP D 125 -21.94 -56.83 -8.14
CA ASP D 125 -21.78 -58.23 -7.80
C ASP D 125 -22.44 -59.21 -8.78
N LYS D 126 -23.57 -58.83 -9.37
CA LYS D 126 -24.32 -59.74 -10.21
C LYS D 126 -23.69 -59.98 -11.59
N ASP D 127 -22.83 -59.05 -12.01
CA ASP D 127 -22.22 -59.10 -13.33
C ASP D 127 -21.07 -60.12 -13.38
N PRO D 128 -21.19 -61.12 -14.28
CA PRO D 128 -20.13 -62.12 -14.46
C PRO D 128 -18.95 -61.59 -15.29
N TYR D 129 -19.19 -60.61 -16.14
CA TYR D 129 -18.18 -60.12 -17.07
C TYR D 129 -16.90 -59.52 -16.46
N PRO D 130 -17.02 -58.75 -15.35
CA PRO D 130 -15.76 -58.29 -14.75
C PRO D 130 -14.85 -59.45 -14.35
N HIS D 131 -15.45 -60.54 -13.87
CA HIS D 131 -14.71 -61.73 -13.49
C HIS D 131 -14.11 -62.45 -14.71
N TYR D 132 -14.88 -62.48 -15.80
CA TYR D 132 -14.41 -63.12 -17.03
C TYR D 132 -13.18 -62.43 -17.61
N TYR D 133 -13.20 -61.09 -17.61
CA TYR D 133 -12.08 -60.33 -18.12
C TYR D 133 -10.89 -60.39 -17.17
N ALA D 134 -11.18 -60.64 -15.89
CA ALA D 134 -10.12 -60.92 -14.92
C ALA D 134 -9.47 -62.26 -15.25
N TYR D 135 -10.29 -63.23 -15.64
CA TYR D 135 -9.82 -64.54 -16.06
C TYR D 135 -8.87 -64.43 -17.25
N ILE D 136 -9.27 -63.64 -18.25
CA ILE D 136 -8.44 -63.40 -19.42
C ILE D 136 -7.09 -62.80 -19.03
N CYS D 137 -7.11 -61.79 -18.17
CA CYS D 137 -5.89 -61.12 -17.74
C CYS D 137 -4.98 -62.04 -16.92
N TYR D 138 -5.58 -62.81 -16.01
CA TYR D 138 -4.82 -63.78 -15.21
C TYR D 138 -4.18 -64.83 -16.11
N THR D 139 -4.86 -65.14 -17.21
CA THR D 139 -4.34 -66.06 -18.22
C THR D 139 -3.14 -65.44 -18.92
N LEU D 140 -3.21 -64.13 -19.15
CA LEU D 140 -2.16 -63.39 -19.85
C LEU D 140 -0.86 -63.29 -19.04
N THR D 141 -0.92 -63.60 -17.74
CA THR D 141 0.29 -63.55 -16.94
C THR D 141 0.98 -64.91 -16.96
N ASN D 142 0.29 -65.89 -17.53
CA ASN D 142 0.84 -67.22 -17.81
C ASN D 142 1.55 -68.00 -16.71
N GLU D 143 0.83 -68.46 -15.67
CA GLU D 143 -0.46 -67.94 -15.26
C GLU D 143 -0.43 -67.83 -13.73
N HIS D 144 -1.07 -66.82 -13.16
CA HIS D 144 -1.05 -66.67 -11.71
C HIS D 144 -1.86 -67.77 -11.01
N GLU D 145 -2.68 -68.49 -11.77
CA GLU D 145 -3.56 -69.56 -11.28
C GLU D 145 -4.79 -68.97 -10.59
N GLU D 146 -4.95 -67.66 -10.75
CA GLU D 146 -6.12 -66.93 -10.27
C GLU D 146 -7.18 -66.92 -11.37
N ALA D 147 -6.78 -67.34 -12.56
CA ALA D 147 -7.67 -67.37 -13.71
C ALA D 147 -8.87 -68.31 -13.49
N GLU D 148 -8.59 -69.51 -13.01
CA GLU D 148 -9.64 -70.50 -12.78
C GLU D 148 -10.62 -70.04 -11.70
N LYS D 149 -10.09 -69.46 -10.63
CA LYS D 149 -10.94 -68.95 -9.55
C LYS D 149 -11.88 -67.85 -10.04
N ALA D 150 -11.35 -67.00 -10.92
CA ALA D 150 -12.13 -65.91 -11.50
C ALA D 150 -13.14 -66.43 -12.51
N LEU D 151 -12.77 -67.51 -13.21
CA LEU D 151 -13.64 -68.14 -14.19
C LEU D 151 -14.89 -68.72 -13.51
N GLU D 152 -14.68 -69.38 -12.38
CA GLU D 152 -15.77 -69.97 -11.61
C GLU D 152 -16.73 -68.89 -11.10
N MET D 153 -16.18 -67.76 -10.67
CA MET D 153 -16.99 -66.65 -10.16
C MET D 153 -17.87 -66.08 -11.26
N ALA D 154 -17.33 -66.00 -12.47
CA ALA D 154 -18.10 -65.59 -13.63
C ALA D 154 -19.18 -66.63 -13.93
N TRP D 155 -18.77 -67.90 -13.86
CA TRP D 155 -19.67 -69.03 -14.14
C TRP D 155 -20.91 -69.02 -13.25
N VAL D 156 -20.70 -68.84 -11.95
CA VAL D 156 -21.80 -68.82 -10.98
C VAL D 156 -22.82 -67.73 -11.34
N ARG D 157 -22.30 -66.55 -11.69
CA ARG D 157 -23.15 -65.41 -12.02
C ARG D 157 -23.73 -65.50 -13.42
N ALA D 158 -23.11 -66.28 -14.28
CA ALA D 158 -23.53 -66.36 -15.69
C ALA D 158 -24.66 -67.35 -15.91
N GLN D 159 -24.57 -68.52 -15.28
CA GLN D 159 -25.57 -69.57 -15.49
C GLN D 159 -26.95 -69.19 -14.96
N HIS D 160 -27.95 -69.93 -15.41
CA HIS D 160 -29.34 -69.80 -14.97
C HIS D 160 -30.04 -68.52 -15.44
N LYS D 161 -29.26 -67.50 -15.78
CA LYS D 161 -29.84 -66.24 -16.24
C LYS D 161 -29.68 -66.08 -17.76
N PRO D 162 -30.80 -65.76 -18.45
CA PRO D 162 -30.82 -65.59 -19.90
C PRO D 162 -30.01 -64.38 -20.35
N LEU D 163 -29.83 -63.41 -19.46
CA LEU D 163 -29.08 -62.19 -19.76
C LEU D 163 -27.61 -62.49 -20.03
N TYR D 164 -27.08 -63.54 -19.41
CA TYR D 164 -25.66 -63.84 -19.50
C TYR D 164 -25.40 -65.17 -20.22
N ASN D 165 -26.29 -65.56 -21.11
CA ASN D 165 -26.18 -66.86 -21.77
C ASN D 165 -25.01 -66.95 -22.74
N GLU D 166 -24.78 -65.88 -23.50
CA GLU D 166 -23.65 -65.81 -24.42
C GLU D 166 -22.33 -66.12 -23.70
N LEU D 167 -22.21 -65.62 -22.48
CA LEU D 167 -21.02 -65.88 -21.66
C LEU D 167 -21.03 -67.30 -21.13
N LYS D 168 -22.20 -67.79 -20.73
CA LYS D 168 -22.35 -69.16 -20.22
C LYS D 168 -21.90 -70.18 -21.26
N GLU D 169 -22.23 -69.94 -22.52
CA GLU D 169 -21.81 -70.79 -23.61
C GLU D 169 -20.29 -70.83 -23.73
N GLU D 170 -19.68 -69.66 -23.66
CA GLU D 170 -18.23 -69.52 -23.79
C GLU D 170 -17.47 -70.28 -22.71
N ILE D 171 -17.93 -70.17 -21.47
CA ILE D 171 -17.26 -70.82 -20.33
C ILE D 171 -17.33 -72.33 -20.48
N LEU D 172 -18.47 -72.83 -20.96
CA LEU D 172 -18.62 -74.23 -21.30
C LEU D 172 -17.63 -74.63 -22.39
N ASP D 173 -17.49 -73.76 -23.39
CA ASP D 173 -16.59 -74.00 -24.51
C ASP D 173 -15.12 -74.00 -24.05
N ILE D 174 -14.82 -73.17 -23.07
CA ILE D 174 -13.48 -73.10 -22.49
C ILE D 174 -13.14 -74.39 -21.75
N ARG D 175 -14.10 -74.90 -21.00
CA ARG D 175 -13.89 -76.06 -20.14
C ARG D 175 -14.07 -77.39 -20.88
N LYS D 176 -13.05 -77.76 -21.65
CA LYS D 176 -13.01 -79.02 -22.40
C LYS D 176 -11.69 -79.15 -23.15
#